data_7XZP
#
_entry.id   7XZP
#
_cell.length_a   136.260
_cell.length_b   205.210
_cell.length_c   107.610
_cell.angle_alpha   90.000
_cell.angle_beta   90.000
_cell.angle_gamma   90.000
#
_symmetry.space_group_name_H-M   'C 2 2 21'
#
loop_
_entity.id
_entity.type
_entity.pdbx_description
1 polymer 'Formate--tetrahydrofolate ligase'
2 non-polymer BERBERINE
3 non-polymer 'SULFATE ION'
4 non-polymer PROLINE
5 water water
#
_entity_poly.entity_id   1
_entity_poly.type   'polypeptide(L)'
_entity_poly.pdbx_seq_one_letter_code
;GSHMMEFKTDIEIAQEANPQDIRDIAKKINLSEDDIELYGKYKAKIDYNVLNRTKSRAGKLILTTAINPTPAGEGKTTTS
IGVADALAKLGKNVIAALREPSMGPVFGIKGGAAGGGYAQVVPMEDINLHFTGDMHAIGAANNLLAAMLDNHVYQTNSLN
INPKRITWRRCVDMNDRQLRNVVDGLGKKVDGVTREDGFDITVASEVMAAFCLSNNISELKENLGNIVVAYNYSGKPVTA
RDLNAHGAMAAILKDALKPNLVQTLEGTPAILHGGPFANIAHGCNSIIATKMGMHMADYVVTEAGFGADLGAEKFLDIKC
RKAGIRPDAVIIVATVRALKYNGGVAKDQLNNENLEALEKGLPNLLKHIENITQVYKIPAVVAINRFPLDTDAELALVRS
KCEELGVKVALSEVWANGGEGGIEVANEVLKLIEEGENNFEYCYEEDMTIKEKLNAIATKIYGADGVNYTKEANKQIAEL
EELGFGNLPVCVAKTQYSLSDDQTKLGRPTGFTIEVRQANISAGAGFVVVMTGEIMKMPGLPKLPAAERIDVDENGKISG
LF
;
_entity_poly.pdbx_strand_id   A,B
#
loop_
_chem_comp.id
_chem_comp.type
_chem_comp.name
_chem_comp.formula
BER non-polymer BERBERINE 'C20 H18 N O4 1'
SO4 non-polymer 'SULFATE ION' 'O4 S -2'
#
# COMPACT_ATOMS: atom_id res chain seq x y z
N GLU A 6 31.31 -0.45 -24.10
CA GLU A 6 31.73 -1.84 -23.96
C GLU A 6 30.68 -2.66 -23.21
N PHE A 7 29.74 -1.98 -22.56
CA PHE A 7 28.73 -2.66 -21.75
C PHE A 7 27.31 -2.19 -22.08
N LYS A 8 26.34 -2.64 -21.27
CA LYS A 8 24.93 -2.56 -21.60
C LYS A 8 24.20 -1.57 -20.68
N THR A 9 22.88 -1.58 -20.75
CA THR A 9 22.07 -0.66 -19.98
C THR A 9 22.09 -1.01 -18.49
N ASP A 10 21.51 -0.12 -17.69
CA ASP A 10 21.51 -0.33 -16.25
C ASP A 10 20.70 -1.55 -15.86
N ILE A 11 19.57 -1.79 -16.54
CA ILE A 11 18.78 -2.96 -16.20
C ILE A 11 19.53 -4.23 -16.58
N GLU A 12 20.32 -4.18 -17.66
CA GLU A 12 21.12 -5.35 -18.03
C GLU A 12 22.26 -5.59 -17.05
N ILE A 13 22.87 -4.52 -16.53
CA ILE A 13 23.86 -4.67 -15.47
C ILE A 13 23.20 -5.23 -14.22
N ALA A 14 21.99 -4.77 -13.91
CA ALA A 14 21.30 -5.26 -12.71
C ALA A 14 20.94 -6.73 -12.82
N GLN A 15 20.59 -7.20 -14.03
CA GLN A 15 20.26 -8.60 -14.21
C GLN A 15 21.50 -9.48 -14.16
N GLU A 16 22.59 -9.03 -14.75
CA GLU A 16 23.83 -9.79 -14.72
C GLU A 16 24.56 -9.72 -13.40
N ALA A 17 23.99 -9.05 -12.39
CA ALA A 17 24.63 -8.96 -11.10
C ALA A 17 24.34 -10.19 -10.27
N ASN A 18 25.26 -10.50 -9.35
CA ASN A 18 25.13 -11.61 -8.41
C ASN A 18 24.96 -11.03 -7.02
N PRO A 19 23.74 -10.68 -6.60
CA PRO A 19 23.55 -10.13 -5.26
C PRO A 19 23.67 -11.23 -4.21
N GLN A 20 24.36 -10.89 -3.13
CA GLN A 20 24.48 -11.81 -2.02
C GLN A 20 23.16 -11.89 -1.25
N ASP A 21 23.00 -12.98 -0.50
CA ASP A 21 21.88 -13.07 0.44
C ASP A 21 21.97 -11.91 1.42
N ILE A 22 20.82 -11.29 1.69
CA ILE A 22 20.80 -10.09 2.52
C ILE A 22 21.27 -10.40 3.93
N ARG A 23 21.15 -11.65 4.38
CA ARG A 23 21.65 -12.02 5.69
C ARG A 23 23.16 -11.84 5.77
N ASP A 24 23.87 -12.18 4.69
CA ASP A 24 25.32 -11.96 4.64
C ASP A 24 25.67 -10.49 4.57
N ILE A 25 24.84 -9.68 3.90
CA ILE A 25 25.05 -8.24 3.90
C ILE A 25 24.88 -7.68 5.30
N ALA A 26 23.88 -8.17 6.03
CA ALA A 26 23.69 -7.72 7.40
C ALA A 26 24.84 -8.16 8.31
N LYS A 27 25.47 -9.30 8.00
CA LYS A 27 26.61 -9.73 8.79
C LYS A 27 27.75 -8.74 8.70
N LYS A 28 27.87 -8.02 7.58
CA LYS A 28 28.94 -7.04 7.41
C LYS A 28 28.79 -5.84 8.34
N ILE A 29 27.58 -5.57 8.84
CA ILE A 29 27.40 -4.44 9.73
C ILE A 29 26.94 -4.95 11.09
N ASN A 30 27.38 -6.16 11.44
CA ASN A 30 27.20 -6.72 12.79
C ASN A 30 25.73 -6.77 13.19
N LEU A 31 24.88 -7.19 12.26
CA LEU A 31 23.46 -7.37 12.50
C LEU A 31 23.16 -8.86 12.51
N SER A 32 22.66 -9.34 13.65
CA SER A 32 22.30 -10.75 13.77
C SER A 32 21.02 -11.03 13.00
N GLU A 33 20.69 -12.32 12.88
CA GLU A 33 19.45 -12.70 12.22
C GLU A 33 18.24 -12.23 13.00
N ASP A 34 18.38 -12.05 14.32
CA ASP A 34 17.28 -11.58 15.14
C ASP A 34 17.11 -10.07 15.12
N ASP A 35 17.98 -9.35 14.40
CA ASP A 35 17.83 -7.91 14.21
C ASP A 35 17.21 -7.57 12.86
N ILE A 36 16.78 -8.57 12.11
CA ILE A 36 16.50 -8.45 10.69
C ILE A 36 15.17 -9.12 10.38
N GLU A 37 14.28 -8.40 9.70
CA GLU A 37 13.08 -8.98 9.10
C GLU A 37 13.31 -9.08 7.61
N LEU A 38 13.23 -10.29 7.07
CA LEU A 38 13.51 -10.50 5.66
C LEU A 38 12.28 -10.23 4.80
N TYR A 39 12.53 -9.68 3.61
CA TYR A 39 11.52 -9.52 2.56
C TYR A 39 12.14 -10.16 1.32
N GLY A 40 12.07 -11.49 1.25
CA GLY A 40 12.88 -12.23 0.29
C GLY A 40 14.33 -12.22 0.77
N LYS A 41 15.18 -12.90 0.00
CA LYS A 41 16.56 -13.05 0.43
C LYS A 41 17.46 -11.92 -0.06
N TYR A 42 16.88 -10.86 -0.63
CA TYR A 42 17.66 -9.72 -1.09
C TYR A 42 17.26 -8.40 -0.44
N LYS A 43 16.12 -8.34 0.25
CA LYS A 43 15.71 -7.17 1.01
C LYS A 43 15.50 -7.55 2.47
N ALA A 44 15.61 -6.55 3.35
CA ALA A 44 15.41 -6.79 4.77
C ALA A 44 15.19 -5.46 5.47
N LYS A 45 14.31 -5.46 6.47
CA LYS A 45 14.13 -4.31 7.34
C LYS A 45 14.91 -4.51 8.63
N ILE A 46 15.49 -3.42 9.13
CA ILE A 46 16.33 -3.43 10.32
C ILE A 46 15.53 -2.88 11.48
N ASP A 47 15.50 -3.62 12.58
CA ASP A 47 14.83 -3.15 13.78
C ASP A 47 15.51 -1.88 14.28
N TYR A 48 14.71 -0.83 14.52
CA TYR A 48 15.28 0.39 15.05
C TYR A 48 15.63 0.29 16.54
N ASN A 49 15.21 -0.79 17.20
CA ASN A 49 15.62 -1.02 18.57
C ASN A 49 17.02 -1.60 18.69
N VAL A 50 17.67 -1.93 17.57
CA VAL A 50 19.04 -2.43 17.63
C VAL A 50 19.96 -1.37 18.19
N LEU A 51 19.63 -0.09 17.97
CA LEU A 51 20.42 0.99 18.53
C LEU A 51 20.45 0.93 20.05
N ASN A 52 19.41 0.38 20.67
CA ASN A 52 19.32 0.32 22.13
C ASN A 52 20.05 -0.86 22.74
N ARG A 53 20.67 -1.72 21.93
CA ARG A 53 21.39 -2.87 22.48
C ARG A 53 22.77 -3.05 21.85
N THR A 54 23.30 -2.01 21.20
CA THR A 54 24.63 -2.06 20.60
C THR A 54 25.36 -0.76 20.90
N LYS A 55 26.70 -0.85 20.87
CA LYS A 55 27.56 0.31 21.06
C LYS A 55 27.77 1.01 19.72
N SER A 56 27.51 2.32 19.69
CA SER A 56 27.64 3.08 18.46
C SER A 56 29.09 3.17 18.02
N ARG A 57 29.34 2.86 16.75
CA ARG A 57 30.67 3.05 16.17
C ARG A 57 30.97 4.51 15.88
N ALA A 58 29.99 5.39 16.05
CA ALA A 58 30.17 6.83 15.84
C ALA A 58 30.81 7.11 14.47
N GLY A 59 30.21 6.52 13.44
CA GLY A 59 30.77 6.63 12.11
C GLY A 59 30.73 8.04 11.56
N LYS A 60 31.55 8.28 10.56
CA LYS A 60 31.64 9.58 9.92
C LYS A 60 30.51 9.77 8.93
N LEU A 61 30.15 11.02 8.69
CA LEU A 61 29.04 11.38 7.80
C LEU A 61 29.60 12.11 6.58
N ILE A 62 29.37 11.53 5.41
CA ILE A 62 29.83 12.10 4.14
C ILE A 62 28.60 12.51 3.35
N LEU A 63 28.39 13.82 3.19
CA LEU A 63 27.24 14.34 2.47
C LEU A 63 27.59 14.53 1.00
N THR A 64 26.73 14.04 0.11
CA THR A 64 26.92 14.18 -1.33
C THR A 64 25.89 15.15 -1.88
N THR A 65 26.36 16.22 -2.50
CA THR A 65 25.48 17.18 -3.17
C THR A 65 25.99 17.44 -4.58
N ALA A 66 25.45 18.46 -5.26
CA ALA A 66 25.83 18.70 -6.64
C ALA A 66 25.61 20.18 -6.97
N ILE A 67 25.96 20.55 -8.19
CA ILE A 67 25.66 21.86 -8.74
C ILE A 67 24.19 21.86 -9.13
N ASN A 68 23.68 23.01 -9.58
CA ASN A 68 22.27 23.08 -9.94
C ASN A 68 21.98 22.08 -11.06
N PRO A 69 20.89 21.31 -10.94
CA PRO A 69 20.56 20.34 -12.00
C PRO A 69 20.42 21.02 -13.35
N THR A 70 21.10 20.45 -14.35
CA THR A 70 21.05 20.89 -15.73
C THR A 70 20.54 19.74 -16.59
N PRO A 71 20.09 20.02 -17.82
CA PRO A 71 19.70 18.92 -18.71
C PRO A 71 20.86 18.01 -19.12
N ALA A 72 22.11 18.44 -18.89
CA ALA A 72 23.27 17.60 -19.19
C ALA A 72 23.43 16.46 -18.20
N GLY A 73 22.90 16.59 -16.99
CA GLY A 73 23.05 15.58 -15.97
C GLY A 73 24.36 15.72 -15.21
N GLU A 74 24.38 15.27 -13.95
CA GLU A 74 25.59 15.32 -13.15
C GLU A 74 25.93 14.00 -12.48
N GLY A 75 24.96 13.10 -12.31
CA GLY A 75 25.20 11.80 -11.72
C GLY A 75 25.47 11.82 -10.23
N LYS A 76 24.59 12.45 -9.46
CA LYS A 76 24.85 12.61 -8.02
C LYS A 76 24.76 11.27 -7.29
N THR A 77 23.65 10.55 -7.48
CA THR A 77 23.47 9.29 -6.78
C THR A 77 24.47 8.23 -7.26
N THR A 78 24.82 8.28 -8.54
CA THR A 78 25.86 7.39 -9.06
C THR A 78 27.18 7.60 -8.32
N THR A 79 27.50 8.86 -8.01
CA THR A 79 28.74 9.13 -7.29
C THR A 79 28.67 8.65 -5.85
N SER A 80 27.54 8.87 -5.17
CA SER A 80 27.38 8.42 -3.79
C SER A 80 27.63 6.92 -3.68
N ILE A 81 26.91 6.14 -4.49
CA ILE A 81 27.10 4.69 -4.52
C ILE A 81 28.53 4.34 -4.89
N GLY A 82 29.10 5.06 -5.86
CA GLY A 82 30.43 4.74 -6.31
C GLY A 82 31.48 4.97 -5.24
N VAL A 83 31.42 6.13 -4.57
CA VAL A 83 32.34 6.43 -3.48
C VAL A 83 32.13 5.45 -2.34
N ALA A 84 30.90 4.99 -2.12
CA ALA A 84 30.64 3.99 -1.10
C ALA A 84 31.30 2.66 -1.46
N ASP A 85 31.20 2.24 -2.72
CA ASP A 85 31.92 1.05 -3.16
C ASP A 85 33.43 1.24 -3.08
N ALA A 86 33.90 2.46 -3.34
CA ALA A 86 35.33 2.72 -3.31
C ALA A 86 35.88 2.59 -1.89
N LEU A 87 35.16 3.11 -0.90
CA LEU A 87 35.58 2.95 0.48
C LEU A 87 35.57 1.49 0.90
N ALA A 88 34.65 0.70 0.33
CA ALA A 88 34.66 -0.74 0.58
C ALA A 88 35.90 -1.40 -0.03
N LYS A 89 36.28 -0.99 -1.24
CA LYS A 89 37.51 -1.52 -1.83
C LYS A 89 38.72 -1.19 -0.96
N LEU A 90 38.68 -0.06 -0.24
CA LEU A 90 39.78 0.34 0.62
C LEU A 90 39.70 -0.30 2.00
N GLY A 91 38.88 -1.33 2.18
CA GLY A 91 38.78 -2.02 3.46
C GLY A 91 38.08 -1.27 4.55
N LYS A 92 37.28 -0.26 4.21
CA LYS A 92 36.53 0.49 5.20
C LYS A 92 35.14 -0.11 5.38
N ASN A 93 34.61 0.00 6.60
CA ASN A 93 33.26 -0.44 6.91
C ASN A 93 32.32 0.73 6.66
N VAL A 94 31.53 0.63 5.59
CA VAL A 94 30.81 1.78 5.06
C VAL A 94 29.38 1.36 4.69
N ILE A 95 28.46 2.32 4.82
CA ILE A 95 27.07 2.14 4.44
C ILE A 95 26.67 3.33 3.56
N ALA A 96 25.95 3.04 2.48
CA ALA A 96 25.37 4.09 1.65
C ALA A 96 23.91 4.30 2.07
N ALA A 97 23.57 5.54 2.44
CA ALA A 97 22.20 5.89 2.82
C ALA A 97 21.57 6.70 1.69
N LEU A 98 20.47 6.18 1.15
CA LEU A 98 19.79 6.78 0.01
C LEU A 98 18.29 6.84 0.26
N ARG A 99 17.58 7.46 -0.67
CA ARG A 99 16.13 7.64 -0.58
C ARG A 99 15.39 6.57 -1.37
N GLU A 100 14.14 6.31 -0.96
CA GLU A 100 13.37 5.39 -1.78
C GLU A 100 12.64 6.14 -2.89
N PRO A 101 12.61 5.59 -4.09
CA PRO A 101 11.89 6.25 -5.19
C PRO A 101 10.38 6.11 -5.06
N SER A 102 9.68 7.09 -5.65
CA SER A 102 8.23 7.06 -5.71
C SER A 102 7.79 6.13 -6.84
N MET A 103 6.81 5.27 -6.57
CA MET A 103 6.40 4.29 -7.57
C MET A 103 5.55 4.92 -8.67
N GLY A 104 4.81 5.98 -8.34
CA GLY A 104 3.91 6.63 -9.26
C GLY A 104 4.49 6.96 -10.62
N PRO A 105 5.57 7.73 -10.66
CA PRO A 105 6.11 8.17 -11.96
C PRO A 105 6.58 7.05 -12.86
N VAL A 106 6.83 5.86 -12.32
CA VAL A 106 7.29 4.75 -13.15
C VAL A 106 6.28 4.44 -14.24
N PHE A 107 5.00 4.61 -13.97
CA PHE A 107 3.98 4.33 -14.98
C PHE A 107 3.77 5.47 -15.95
N GLY A 108 4.46 6.59 -15.76
CA GLY A 108 4.38 7.66 -16.73
C GLY A 108 5.62 7.77 -17.58
N ILE A 109 6.78 7.94 -16.95
CA ILE A 109 8.02 8.23 -17.66
C ILE A 109 9.04 7.12 -17.45
N LYS A 110 8.56 5.90 -17.24
CA LYS A 110 9.40 4.72 -17.04
C LYS A 110 10.20 4.79 -15.75
N GLY A 111 10.67 3.65 -15.27
CA GLY A 111 11.46 3.60 -14.06
C GLY A 111 12.92 3.91 -14.34
N GLY A 112 13.72 3.79 -13.29
CA GLY A 112 15.14 4.03 -13.44
C GLY A 112 15.90 3.34 -12.35
N ALA A 113 17.23 3.28 -12.54
CA ALA A 113 18.09 2.62 -11.58
C ALA A 113 18.37 3.53 -10.39
N ALA A 114 18.51 2.92 -9.22
CA ALA A 114 19.04 3.63 -8.05
C ALA A 114 20.53 3.81 -8.27
N GLY A 115 20.92 4.94 -8.87
CA GLY A 115 22.28 5.11 -9.32
C GLY A 115 22.38 5.00 -10.84
N GLY A 116 23.37 4.26 -11.32
CA GLY A 116 23.57 4.12 -12.76
C GLY A 116 24.88 3.47 -13.12
N GLY A 117 24.91 2.81 -14.28
CA GLY A 117 26.13 2.13 -14.70
C GLY A 117 26.47 0.99 -13.76
N TYR A 118 27.73 0.96 -13.33
CA TYR A 118 28.21 -0.03 -12.38
C TYR A 118 28.24 0.49 -10.96
N ALA A 119 27.52 1.58 -10.69
CA ALA A 119 27.34 2.10 -9.34
C ALA A 119 25.84 2.14 -9.05
N GLN A 120 25.26 0.96 -8.81
CA GLN A 120 23.82 0.80 -8.63
C GLN A 120 23.53 0.17 -7.27
N VAL A 121 22.23 0.08 -6.96
CA VAL A 121 21.73 -0.59 -5.77
C VAL A 121 20.66 -1.59 -6.21
N VAL A 122 20.75 -2.81 -5.70
CA VAL A 122 19.98 -3.95 -6.22
C VAL A 122 19.21 -4.55 -5.05
N PRO A 123 17.95 -5.01 -5.22
CA PRO A 123 17.15 -5.19 -6.44
C PRO A 123 16.56 -3.91 -7.04
N MET A 124 16.94 -3.64 -8.29
CA MET A 124 16.47 -2.45 -8.97
C MET A 124 14.97 -2.50 -9.21
N GLU A 125 14.45 -3.66 -9.61
CA GLU A 125 13.04 -3.76 -9.92
C GLU A 125 12.17 -3.55 -8.68
N ASP A 126 12.53 -4.19 -7.57
CA ASP A 126 11.73 -4.10 -6.37
C ASP A 126 11.78 -2.70 -5.77
N ILE A 127 12.96 -2.06 -5.82
CA ILE A 127 13.11 -0.71 -5.28
C ILE A 127 12.22 0.27 -6.03
N ASN A 128 12.00 0.04 -7.33
CA ASN A 128 11.19 0.97 -8.12
C ASN A 128 9.71 0.82 -7.85
N LEU A 129 9.27 -0.33 -7.34
CA LEU A 129 7.85 -0.57 -7.11
C LEU A 129 7.47 -0.57 -5.63
N HIS A 130 6.98 -1.72 -5.14
CA HIS A 130 6.43 -1.72 -3.79
C HIS A 130 7.53 -1.68 -2.74
N PHE A 131 8.75 -2.10 -3.13
CA PHE A 131 9.88 -2.24 -2.21
C PHE A 131 9.41 -3.01 -0.98
N THR A 132 9.45 -2.44 0.24
CA THR A 132 8.94 -3.10 1.44
C THR A 132 7.63 -2.47 1.95
N GLY A 133 6.97 -1.64 1.16
CA GLY A 133 5.67 -1.13 1.52
C GLY A 133 5.66 0.20 2.24
N ASP A 134 6.81 0.87 2.35
CA ASP A 134 6.86 2.12 3.09
C ASP A 134 5.93 3.16 2.50
N MET A 135 5.92 3.31 1.17
CA MET A 135 5.09 4.31 0.53
C MET A 135 3.60 4.04 0.77
N HIS A 136 3.21 2.76 0.79
CA HIS A 136 1.83 2.41 1.10
C HIS A 136 1.46 2.81 2.53
N ALA A 137 2.38 2.65 3.47
CA ALA A 137 2.09 3.04 4.84
C ALA A 137 1.97 4.55 4.97
N ILE A 138 2.85 5.29 4.29
CA ILE A 138 2.79 6.75 4.31
C ILE A 138 1.43 7.23 3.82
N GLY A 139 0.96 6.65 2.70
CA GLY A 139 -0.33 7.04 2.17
C GLY A 139 -1.48 6.63 3.08
N ALA A 140 -1.39 5.42 3.64
CA ALA A 140 -2.42 4.98 4.57
C ALA A 140 -2.53 5.92 5.77
N ALA A 141 -1.39 6.33 6.33
CA ALA A 141 -1.42 7.26 7.46
C ALA A 141 -1.97 8.62 7.04
N ASN A 142 -1.57 9.09 5.86
CA ASN A 142 -2.08 10.35 5.35
C ASN A 142 -3.60 10.31 5.19
N ASN A 143 -4.11 9.22 4.60
CA ASN A 143 -5.52 9.11 4.28
C ASN A 143 -6.39 8.77 5.49
N LEU A 144 -5.82 8.10 6.49
CA LEU A 144 -6.55 7.92 7.74
C LEU A 144 -6.83 9.27 8.40
N LEU A 145 -5.82 10.13 8.49
CA LEU A 145 -6.01 11.44 9.09
C LEU A 145 -7.06 12.25 8.33
N ALA A 146 -7.10 12.11 7.01
CA ALA A 146 -8.09 12.84 6.22
C ALA A 146 -9.49 12.32 6.50
N ALA A 147 -9.64 11.00 6.62
CA ALA A 147 -10.95 10.42 6.91
C ALA A 147 -11.43 10.80 8.31
N MET A 148 -10.52 10.84 9.29
CA MET A 148 -10.92 11.23 10.63
C MET A 148 -11.19 12.72 10.74
N LEU A 149 -10.49 13.53 9.96
CA LEU A 149 -10.78 14.97 9.92
C LEU A 149 -12.18 15.22 9.40
N ASP A 150 -12.52 14.62 8.25
CA ASP A 150 -13.86 14.79 7.69
C ASP A 150 -14.92 14.18 8.60
N ASN A 151 -14.62 13.04 9.22
CA ASN A 151 -15.57 12.39 10.11
C ASN A 151 -15.92 13.30 11.29
N HIS A 152 -14.92 13.94 11.89
CA HIS A 152 -15.19 14.83 13.02
C HIS A 152 -16.13 15.96 12.63
N VAL A 153 -15.91 16.57 11.46
CA VAL A 153 -16.78 17.64 11.01
C VAL A 153 -18.18 17.11 10.72
N TYR A 154 -18.28 15.90 10.16
CA TYR A 154 -19.57 15.32 9.85
C TYR A 154 -20.33 14.93 11.12
N GLN A 155 -19.61 14.42 12.12
CA GLN A 155 -20.26 13.95 13.34
C GLN A 155 -20.76 15.11 14.19
N THR A 156 -19.84 15.84 14.81
CA THR A 156 -20.23 16.94 15.68
C THR A 156 -19.56 18.25 15.30
N ASN A 157 -18.34 18.17 14.80
CA ASN A 157 -17.49 19.35 14.63
C ASN A 157 -17.41 20.14 15.93
N SER A 158 -17.17 19.42 17.03
CA SER A 158 -17.03 20.10 18.31
C SER A 158 -15.76 20.95 18.36
N LEU A 159 -14.80 20.71 17.48
CA LEU A 159 -13.61 21.54 17.38
C LEU A 159 -13.85 22.82 16.58
N ASN A 160 -15.07 23.00 16.06
CA ASN A 160 -15.43 24.19 15.29
C ASN A 160 -14.49 24.39 14.13
N ILE A 161 -14.11 23.29 13.48
CA ILE A 161 -13.25 23.37 12.31
C ILE A 161 -13.97 24.13 11.22
N ASN A 162 -13.28 25.10 10.62
CA ASN A 162 -13.80 25.80 9.45
C ASN A 162 -13.41 25.01 8.22
N PRO A 163 -14.36 24.40 7.51
CA PRO A 163 -13.99 23.60 6.32
C PRO A 163 -13.30 24.41 5.25
N LYS A 164 -13.56 25.71 5.16
CA LYS A 164 -12.84 26.55 4.19
C LYS A 164 -11.41 26.80 4.62
N ARG A 165 -11.03 26.39 5.83
CA ARG A 165 -9.67 26.53 6.32
C ARG A 165 -8.98 25.18 6.53
N ILE A 166 -9.52 24.12 5.92
CA ILE A 166 -8.87 22.81 5.95
C ILE A 166 -7.67 22.83 5.01
N THR A 167 -6.50 22.50 5.56
CA THR A 167 -5.28 22.45 4.76
C THR A 167 -4.86 21.05 4.39
N TRP A 168 -5.23 20.05 5.18
CA TRP A 168 -4.85 18.67 4.90
C TRP A 168 -5.45 18.22 3.57
N ARG A 169 -4.67 17.43 2.84
CA ARG A 169 -5.08 16.92 1.54
C ARG A 169 -4.89 15.41 1.51
N ARG A 170 -5.71 14.74 0.72
CA ARG A 170 -5.54 13.31 0.54
C ARG A 170 -4.37 13.05 -0.41
N CYS A 171 -4.01 11.78 -0.60
CA CYS A 171 -2.90 11.46 -1.46
C CYS A 171 -3.09 10.09 -2.09
N VAL A 172 -2.31 9.84 -3.15
CA VAL A 172 -2.26 8.57 -3.85
C VAL A 172 -0.94 8.52 -4.61
N ASP A 173 -0.38 7.32 -4.71
CA ASP A 173 0.92 7.14 -5.39
C ASP A 173 0.71 6.89 -6.88
N MET A 174 0.11 7.87 -7.54
CA MET A 174 -0.13 7.85 -8.97
C MET A 174 0.09 9.25 -9.51
N ASN A 175 0.44 9.34 -10.79
CA ASN A 175 0.49 10.62 -11.48
C ASN A 175 -0.90 10.88 -12.08
N ASP A 176 -1.79 11.40 -11.25
CA ASP A 176 -3.19 11.56 -11.62
C ASP A 176 -3.59 13.03 -11.52
N ARG A 177 -3.48 13.75 -12.65
CA ARG A 177 -3.88 15.15 -12.69
C ARG A 177 -5.36 15.35 -12.41
N GLN A 178 -6.17 14.29 -12.53
CA GLN A 178 -7.61 14.41 -12.35
C GLN A 178 -7.97 14.73 -10.90
N LEU A 179 -7.11 14.36 -9.95
CA LEU A 179 -7.40 14.48 -8.52
C LEU A 179 -6.76 15.72 -7.90
N ARG A 180 -6.30 16.67 -8.71
CA ARG A 180 -5.70 17.87 -8.14
C ARG A 180 -6.75 18.70 -7.41
N ASN A 181 -7.90 18.91 -8.03
CA ASN A 181 -8.96 19.74 -7.47
C ASN A 181 -10.26 18.96 -7.58
N VAL A 182 -10.84 18.62 -6.44
CA VAL A 182 -12.05 17.82 -6.39
C VAL A 182 -13.04 18.50 -5.45
N VAL A 183 -14.30 18.06 -5.53
CA VAL A 183 -15.33 18.39 -4.55
C VAL A 183 -15.85 17.07 -4.04
N ASP A 184 -15.65 16.79 -2.76
CA ASP A 184 -16.15 15.57 -2.16
C ASP A 184 -17.20 15.90 -1.10
N GLY A 185 -17.72 14.86 -0.46
CA GLY A 185 -18.82 15.01 0.46
C GLY A 185 -20.19 15.11 -0.18
N LEU A 186 -20.29 14.91 -1.48
CA LEU A 186 -21.57 15.01 -2.17
C LEU A 186 -22.43 13.78 -1.88
N GLY A 187 -23.71 13.89 -2.19
CA GLY A 187 -24.64 12.78 -2.03
C GLY A 187 -25.66 13.00 -0.94
N LYS A 188 -26.11 11.91 -0.31
CA LYS A 188 -27.10 11.99 0.75
C LYS A 188 -26.53 12.72 1.96
N LYS A 189 -27.40 12.99 2.93
CA LYS A 189 -26.96 13.64 4.16
C LYS A 189 -25.98 12.76 4.93
N VAL A 190 -26.00 11.46 4.69
CA VAL A 190 -25.11 10.51 5.35
C VAL A 190 -23.80 10.33 4.58
N ASP A 191 -23.58 11.10 3.51
CA ASP A 191 -22.40 10.93 2.68
C ASP A 191 -21.33 11.99 2.93
N GLY A 192 -21.42 12.69 4.05
CA GLY A 192 -20.37 13.61 4.45
C GLY A 192 -20.79 15.06 4.37
N VAL A 193 -19.79 15.94 4.41
CA VAL A 193 -19.98 17.39 4.35
C VAL A 193 -19.35 17.88 3.05
N THR A 194 -20.14 18.57 2.23
CA THR A 194 -19.67 18.97 0.90
C THR A 194 -18.62 20.08 1.01
N ARG A 195 -17.47 19.87 0.40
CA ARG A 195 -16.38 20.84 0.45
C ARG A 195 -15.43 20.57 -0.71
N GLU A 196 -14.56 21.53 -0.98
CA GLU A 196 -13.51 21.37 -1.97
C GLU A 196 -12.30 20.70 -1.32
N ASP A 197 -11.56 19.95 -2.13
CA ASP A 197 -10.46 19.14 -1.60
C ASP A 197 -9.54 18.80 -2.77
N GLY A 198 -8.46 18.09 -2.45
CA GLY A 198 -7.51 17.71 -3.48
C GLY A 198 -6.64 16.57 -3.02
N PHE A 199 -5.91 16.00 -3.98
CA PHE A 199 -4.96 14.93 -3.75
C PHE A 199 -3.57 15.39 -4.17
N ASP A 200 -2.57 14.87 -3.46
CA ASP A 200 -1.17 15.02 -3.82
C ASP A 200 -0.59 13.64 -4.06
N ILE A 201 0.56 13.58 -4.72
CA ILE A 201 1.28 12.32 -4.76
C ILE A 201 1.76 12.00 -3.35
N THR A 202 1.81 10.71 -3.02
CA THR A 202 2.03 10.29 -1.63
C THR A 202 3.32 10.89 -1.05
N VAL A 203 4.38 10.95 -1.84
CA VAL A 203 5.66 11.44 -1.32
C VAL A 203 5.66 12.94 -1.04
N ALA A 204 4.62 13.66 -1.44
CA ALA A 204 4.51 15.08 -1.13
C ALA A 204 3.75 15.36 0.16
N SER A 205 3.19 14.32 0.78
CA SER A 205 2.51 14.48 2.05
C SER A 205 3.46 14.95 3.14
N GLU A 206 2.93 15.74 4.07
CA GLU A 206 3.72 16.09 5.25
C GLU A 206 4.01 14.88 6.12
N VAL A 207 3.18 13.83 6.04
CA VAL A 207 3.48 12.58 6.71
C VAL A 207 4.85 12.06 6.28
N MET A 208 5.20 12.26 5.01
CA MET A 208 6.50 11.80 4.52
C MET A 208 7.64 12.61 5.14
N ALA A 209 7.46 13.92 5.25
CA ALA A 209 8.51 14.76 5.82
C ALA A 209 8.66 14.50 7.32
N ALA A 210 7.54 14.38 8.04
CA ALA A 210 7.59 14.02 9.46
C ALA A 210 8.17 12.64 9.65
N PHE A 211 7.89 11.72 8.73
CA PHE A 211 8.46 10.37 8.79
C PHE A 211 9.98 10.41 8.75
N CYS A 212 10.55 11.33 7.97
CA CYS A 212 11.99 11.39 7.75
C CYS A 212 12.73 12.28 8.74
N LEU A 213 12.01 13.03 9.57
CA LEU A 213 12.64 13.90 10.57
C LEU A 213 12.29 13.45 11.99
N SER A 214 12.24 12.14 12.20
CA SER A 214 11.94 11.56 13.51
C SER A 214 13.06 10.62 13.91
N ASN A 215 13.54 10.76 15.15
CA ASN A 215 14.67 9.96 15.60
C ASN A 215 14.26 8.58 16.10
N ASN A 216 13.00 8.39 16.46
CA ASN A 216 12.53 7.12 16.99
C ASN A 216 11.01 7.09 16.87
N ILE A 217 10.43 5.94 17.20
CA ILE A 217 8.99 5.79 17.06
C ILE A 217 8.23 6.74 17.97
N SER A 218 8.84 7.17 19.08
CA SER A 218 8.16 8.12 19.96
C SER A 218 8.10 9.51 19.34
N GLU A 219 9.20 9.98 18.75
CA GLU A 219 9.16 11.28 18.09
C GLU A 219 8.22 11.28 16.90
N LEU A 220 8.12 10.15 16.21
CA LEU A 220 7.20 10.05 15.08
C LEU A 220 5.76 10.30 15.53
N LYS A 221 5.32 9.58 16.57
CA LYS A 221 3.97 9.80 17.08
C LYS A 221 3.78 11.25 17.52
N GLU A 222 4.78 11.82 18.19
CA GLU A 222 4.66 13.19 18.66
C GLU A 222 4.64 14.17 17.49
N ASN A 223 5.55 14.00 16.52
CA ASN A 223 5.55 14.87 15.35
C ASN A 223 4.23 14.79 14.59
N LEU A 224 3.73 13.57 14.38
CA LEU A 224 2.45 13.40 13.69
C LEU A 224 1.34 14.15 14.42
N GLY A 225 1.38 14.19 15.75
CA GLY A 225 0.35 14.89 16.49
C GLY A 225 0.36 16.37 16.27
N ASN A 226 1.55 16.96 16.08
CA ASN A 226 1.68 18.39 15.88
C ASN A 226 1.25 18.85 14.49
N ILE A 227 0.98 17.92 13.57
CA ILE A 227 0.51 18.28 12.24
C ILE A 227 -0.75 19.14 12.34
N VAL A 228 -0.74 20.28 11.67
CA VAL A 228 -1.91 21.15 11.57
C VAL A 228 -2.74 20.70 10.38
N VAL A 229 -4.01 20.37 10.63
CA VAL A 229 -4.90 19.89 9.58
C VAL A 229 -5.91 20.94 9.14
N ALA A 230 -6.17 21.94 9.95
CA ALA A 230 -7.20 22.95 9.64
C ALA A 230 -7.08 24.06 10.67
N TYR A 231 -8.07 24.96 10.67
CA TYR A 231 -8.18 26.04 11.63
C TYR A 231 -9.64 26.16 12.04
N ASN A 232 -9.88 26.48 13.30
CA ASN A 232 -11.25 26.69 13.74
C ASN A 232 -11.72 28.07 13.31
N TYR A 233 -12.99 28.37 13.58
CA TYR A 233 -13.52 29.68 13.23
C TYR A 233 -12.88 30.79 14.04
N SER A 234 -12.31 30.48 15.20
CA SER A 234 -11.54 31.43 15.97
C SER A 234 -10.13 31.62 15.44
N GLY A 235 -9.76 30.94 14.36
CA GLY A 235 -8.45 31.09 13.77
C GLY A 235 -7.34 30.31 14.43
N LYS A 236 -7.65 29.41 15.33
CA LYS A 236 -6.62 28.64 16.00
C LYS A 236 -6.39 27.31 15.28
N PRO A 237 -5.16 26.82 15.26
CA PRO A 237 -4.87 25.59 14.52
C PRO A 237 -5.48 24.38 15.19
N VAL A 238 -6.03 23.49 14.38
CA VAL A 238 -6.53 22.20 14.82
C VAL A 238 -5.55 21.14 14.33
N THR A 239 -5.10 20.28 15.23
CA THR A 239 -4.05 19.33 14.94
C THR A 239 -4.58 17.90 14.88
N ALA A 240 -3.72 16.99 14.44
CA ALA A 240 -4.06 15.57 14.44
C ALA A 240 -4.17 15.04 15.87
N ARG A 241 -3.44 15.62 16.81
CA ARG A 241 -3.59 15.25 18.21
C ARG A 241 -4.98 15.63 18.71
N ASP A 242 -5.52 16.74 18.22
CA ASP A 242 -6.87 17.12 18.58
C ASP A 242 -7.89 16.11 18.07
N LEU A 243 -7.56 15.39 17.00
CA LEU A 243 -8.44 14.34 16.48
C LEU A 243 -8.12 12.97 17.05
N ASN A 244 -7.09 12.86 17.92
CA ASN A 244 -6.64 11.58 18.45
C ASN A 244 -6.28 10.61 17.34
N ALA A 245 -5.56 11.11 16.33
CA ALA A 245 -5.20 10.32 15.16
C ALA A 245 -3.75 9.87 15.16
N HIS A 246 -2.87 10.60 15.83
CA HIS A 246 -1.43 10.36 15.65
C HIS A 246 -1.00 9.02 16.21
N GLY A 247 -1.66 8.55 17.28
CA GLY A 247 -1.36 7.22 17.79
C GLY A 247 -1.69 6.14 16.77
N ALA A 248 -2.80 6.30 16.05
CA ALA A 248 -3.15 5.35 15.01
C ALA A 248 -2.26 5.48 13.77
N MET A 249 -1.84 6.70 13.43
CA MET A 249 -0.96 6.88 12.29
C MET A 249 0.41 6.26 12.55
N ALA A 250 0.93 6.39 13.78
CA ALA A 250 2.22 5.78 14.09
C ALA A 250 2.12 4.26 14.11
N ALA A 251 0.93 3.74 14.41
CA ALA A 251 0.72 2.29 14.34
C ALA A 251 0.79 1.81 12.90
N ILE A 252 0.25 2.59 11.96
CA ILE A 252 0.35 2.24 10.54
C ILE A 252 1.81 2.28 10.08
N LEU A 253 2.62 3.15 10.69
CA LEU A 253 4.00 3.36 10.27
C LEU A 253 5.01 2.59 11.12
N LYS A 254 4.54 1.78 12.06
CA LYS A 254 5.43 1.12 13.02
C LYS A 254 6.46 0.24 12.31
N ASP A 255 6.04 -0.52 11.30
CA ASP A 255 7.00 -1.32 10.54
C ASP A 255 7.70 -0.50 9.46
N ALA A 256 7.02 0.51 8.90
CA ALA A 256 7.63 1.35 7.88
C ALA A 256 8.84 2.10 8.40
N LEU A 257 8.81 2.52 9.67
CA LEU A 257 9.90 3.30 10.24
C LEU A 257 11.19 2.52 10.36
N LYS A 258 11.16 1.20 10.21
CA LYS A 258 12.36 0.40 10.19
C LYS A 258 13.10 0.60 8.87
N PRO A 259 14.36 1.05 8.89
CA PRO A 259 15.10 1.24 7.63
C PRO A 259 15.24 -0.06 6.86
N ASN A 260 15.39 0.06 5.54
CA ASN A 260 15.43 -1.08 4.63
C ASN A 260 16.88 -1.38 4.26
N LEU A 261 17.32 -2.61 4.53
CA LEU A 261 18.68 -3.04 4.24
C LEU A 261 18.75 -3.63 2.84
N VAL A 262 19.64 -3.08 2.02
CA VAL A 262 19.80 -3.46 0.62
C VAL A 262 21.31 -3.45 0.33
N GLN A 263 21.69 -3.88 -0.87
CA GLN A 263 23.10 -3.96 -1.23
C GLN A 263 23.35 -3.30 -2.59
N THR A 264 24.62 -2.93 -2.82
CA THR A 264 25.06 -2.41 -4.10
C THR A 264 25.49 -3.55 -5.01
N LEU A 265 25.98 -3.20 -6.20
CA LEU A 265 26.47 -4.22 -7.13
C LEU A 265 27.70 -4.93 -6.58
N GLU A 266 28.50 -4.23 -5.77
CA GLU A 266 29.74 -4.78 -5.24
C GLU A 266 29.58 -5.28 -3.80
N GLY A 267 28.36 -5.54 -3.37
CA GLY A 267 28.11 -6.08 -2.05
C GLY A 267 28.18 -5.09 -0.90
N THR A 268 28.29 -3.80 -1.18
CA THR A 268 28.33 -2.82 -0.10
C THR A 268 26.94 -2.69 0.53
N PRO A 269 26.82 -2.69 1.84
CA PRO A 269 25.51 -2.52 2.47
C PRO A 269 24.93 -1.15 2.19
N ALA A 270 23.63 -1.10 1.89
CA ALA A 270 22.94 0.14 1.58
C ALA A 270 21.61 0.19 2.32
N ILE A 271 21.23 1.40 2.71
CA ILE A 271 19.97 1.63 3.42
C ILE A 271 19.17 2.65 2.63
N LEU A 272 17.97 2.27 2.20
CA LEU A 272 17.05 3.14 1.48
C LEU A 272 15.81 3.32 2.34
N HIS A 273 15.52 4.56 2.72
CA HIS A 273 14.45 4.81 3.67
C HIS A 273 14.00 6.27 3.53
N GLY A 274 12.77 6.45 3.06
CA GLY A 274 12.18 7.78 2.95
C GLY A 274 12.50 8.43 1.62
N GLY A 275 11.65 9.36 1.22
CA GLY A 275 11.84 10.09 -0.01
C GLY A 275 10.95 11.31 -0.16
N PRO A 276 11.28 12.38 0.53
CA PRO A 276 10.48 13.61 0.44
C PRO A 276 10.96 14.53 -0.68
N PHE A 277 10.12 15.50 -1.01
CA PHE A 277 10.48 16.49 -2.01
C PHE A 277 11.63 17.34 -1.50
N ALA A 278 12.38 17.93 -2.43
CA ALA A 278 13.51 18.78 -2.09
C ALA A 278 13.18 20.26 -2.15
N ASN A 279 11.96 20.63 -2.54
CA ASN A 279 11.52 22.02 -2.55
C ASN A 279 10.53 22.32 -1.42
N ILE A 280 9.42 21.58 -1.35
CA ILE A 280 8.47 21.75 -0.25
C ILE A 280 8.84 20.92 0.96
N ALA A 281 9.90 20.13 0.88
CA ALA A 281 10.47 19.43 2.04
C ALA A 281 11.98 19.51 1.91
N HIS A 282 12.69 18.73 2.74
CA HIS A 282 14.15 18.83 2.78
C HIS A 282 14.87 17.85 1.85
N GLY A 283 14.16 16.91 1.24
CA GLY A 283 14.77 16.04 0.23
C GLY A 283 15.90 15.16 0.71
N CYS A 284 15.80 14.61 1.91
CA CYS A 284 16.80 13.70 2.44
C CYS A 284 16.16 12.38 2.82
N ASN A 285 16.97 11.34 2.90
CA ASN A 285 16.48 10.10 3.49
C ASN A 285 16.23 10.31 4.99
N SER A 286 15.60 9.32 5.61
CA SER A 286 15.11 9.49 6.97
C SER A 286 16.27 9.62 7.95
N ILE A 287 16.00 10.32 9.06
CA ILE A 287 17.01 10.51 10.09
C ILE A 287 17.39 9.17 10.72
N ILE A 288 16.41 8.29 10.91
CA ILE A 288 16.70 6.98 11.50
C ILE A 288 17.66 6.18 10.62
N ALA A 289 17.50 6.29 9.30
CA ALA A 289 18.41 5.59 8.41
C ALA A 289 19.84 6.11 8.54
N THR A 290 20.01 7.43 8.63
CA THR A 290 21.36 7.97 8.76
C THR A 290 21.92 7.67 10.14
N LYS A 291 21.11 7.81 11.19
CA LYS A 291 21.54 7.41 12.53
C LYS A 291 21.92 5.94 12.58
N MET A 292 21.08 5.08 12.00
CA MET A 292 21.38 3.65 11.97
C MET A 292 22.72 3.37 11.29
N GLY A 293 22.99 4.05 10.18
CA GLY A 293 24.25 3.84 9.48
C GLY A 293 25.44 4.27 10.30
N MET A 294 25.38 5.48 10.86
CA MET A 294 26.46 5.97 11.73
C MET A 294 26.60 5.12 12.98
N HIS A 295 25.55 4.43 13.39
CA HIS A 295 25.63 3.56 14.57
C HIS A 295 26.28 2.23 14.25
N MET A 296 26.11 1.73 13.02
CA MET A 296 26.54 0.38 12.67
C MET A 296 27.80 0.33 11.82
N ALA A 297 28.31 1.48 11.38
CA ALA A 297 29.45 1.49 10.46
C ALA A 297 30.36 2.67 10.78
N ASP A 298 31.53 2.65 10.16
CA ASP A 298 32.54 3.68 10.36
C ASP A 298 32.38 4.86 9.42
N TYR A 299 31.77 4.66 8.25
CA TYR A 299 31.54 5.73 7.30
C TYR A 299 30.16 5.58 6.68
N VAL A 300 29.47 6.70 6.54
CA VAL A 300 28.15 6.74 5.92
C VAL A 300 28.18 7.76 4.79
N VAL A 301 27.75 7.35 3.60
CA VAL A 301 27.61 8.24 2.46
C VAL A 301 26.11 8.41 2.23
N THR A 302 25.61 9.63 2.41
CA THR A 302 24.24 9.98 2.09
C THR A 302 24.23 11.17 1.13
N GLU A 303 23.04 11.53 0.66
CA GLU A 303 22.92 12.58 -0.34
C GLU A 303 21.67 13.41 -0.08
N ALA A 304 21.58 14.53 -0.80
CA ALA A 304 20.43 15.41 -0.79
C ALA A 304 20.13 15.82 -2.23
N GLY A 305 18.84 16.07 -2.52
CA GLY A 305 18.43 16.32 -3.88
C GLY A 305 18.57 17.77 -4.32
N PHE A 306 18.63 17.96 -5.64
CA PHE A 306 18.47 19.26 -6.30
C PHE A 306 19.67 20.19 -6.16
N GLY A 307 20.86 19.67 -5.84
CA GLY A 307 22.03 20.51 -5.75
C GLY A 307 22.10 21.29 -4.45
N ALA A 308 23.26 21.93 -4.25
CA ALA A 308 23.64 22.42 -2.93
C ALA A 308 22.71 23.54 -2.45
N ASP A 309 22.25 24.40 -3.36
CA ASP A 309 21.42 25.53 -2.96
C ASP A 309 20.07 25.11 -2.39
N LEU A 310 19.64 23.87 -2.62
CA LEU A 310 18.37 23.39 -2.07
C LEU A 310 18.60 22.23 -1.12
N GLY A 311 19.00 21.05 -1.61
CA GLY A 311 19.10 19.89 -0.74
C GLY A 311 20.14 20.05 0.34
N ALA A 312 21.37 20.43 -0.04
CA ALA A 312 22.43 20.56 0.96
C ALA A 312 22.09 21.64 1.98
N GLU A 313 21.53 22.77 1.53
CA GLU A 313 21.11 23.80 2.48
C GLU A 313 20.16 23.21 3.52
N LYS A 314 19.13 22.49 3.06
CA LYS A 314 18.14 21.94 3.97
C LYS A 314 18.68 20.74 4.76
N PHE A 315 19.62 20.00 4.18
CA PHE A 315 20.24 18.91 4.94
C PHE A 315 20.98 19.45 6.17
N LEU A 316 21.61 20.60 6.03
CA LEU A 316 22.43 21.16 7.10
C LEU A 316 21.62 21.99 8.09
N ASP A 317 20.64 22.75 7.60
CA ASP A 317 19.88 23.65 8.46
C ASP A 317 18.62 23.03 9.02
N ILE A 318 18.15 21.91 8.45
CA ILE A 318 16.97 21.25 8.98
C ILE A 318 17.35 19.89 9.57
N LYS A 319 17.78 18.97 8.71
CA LYS A 319 18.02 17.59 9.17
C LYS A 319 19.11 17.54 10.23
N CYS A 320 20.24 18.20 9.99
CA CYS A 320 21.34 18.17 10.94
C CYS A 320 20.93 18.77 12.27
N ARG A 321 20.06 19.78 12.25
CA ARG A 321 19.63 20.41 13.49
C ARG A 321 18.76 19.47 14.31
N LYS A 322 17.78 18.83 13.67
CA LYS A 322 16.83 17.97 14.38
C LYS A 322 17.44 16.62 14.75
N ALA A 323 18.41 16.13 13.98
CA ALA A 323 19.07 14.88 14.28
C ALA A 323 20.28 15.05 15.19
N GLY A 324 20.87 16.23 15.23
CA GLY A 324 22.08 16.44 16.00
C GLY A 324 23.30 15.77 15.42
N ILE A 325 23.47 15.86 14.10
CA ILE A 325 24.62 15.28 13.43
C ILE A 325 25.36 16.39 12.69
N ARG A 326 26.57 16.07 12.24
CA ARG A 326 27.44 17.02 11.59
C ARG A 326 28.22 16.28 10.51
N PRO A 327 28.19 16.77 9.26
CA PRO A 327 28.94 16.10 8.20
C PRO A 327 30.43 16.35 8.35
N ASP A 328 31.22 15.29 8.18
CA ASP A 328 32.67 15.40 8.25
C ASP A 328 33.28 15.79 6.91
N ALA A 329 32.54 15.67 5.81
CA ALA A 329 33.04 16.06 4.50
C ALA A 329 31.87 16.16 3.55
N VAL A 330 32.01 17.00 2.52
CA VAL A 330 30.98 17.22 1.52
C VAL A 330 31.58 16.94 0.15
N ILE A 331 30.89 16.12 -0.64
CA ILE A 331 31.27 15.84 -2.02
C ILE A 331 30.35 16.64 -2.94
N ILE A 332 30.94 17.53 -3.74
CA ILE A 332 30.18 18.35 -4.68
C ILE A 332 30.40 17.77 -6.08
N VAL A 333 29.35 17.17 -6.64
CA VAL A 333 29.43 16.48 -7.92
C VAL A 333 29.08 17.45 -9.04
N ALA A 334 29.83 17.37 -10.13
CA ALA A 334 29.59 18.20 -11.31
C ALA A 334 30.17 17.50 -12.52
N THR A 335 29.85 18.01 -13.69
CA THR A 335 30.41 17.55 -14.95
C THR A 335 30.79 18.76 -15.79
N VAL A 336 31.74 18.53 -16.71
CA VAL A 336 32.14 19.60 -17.63
C VAL A 336 30.98 19.97 -18.54
N ARG A 337 30.21 18.96 -18.99
CA ARG A 337 29.05 19.25 -19.82
C ARG A 337 28.06 20.18 -19.13
N ALA A 338 27.79 19.92 -17.84
CA ALA A 338 26.81 20.74 -17.13
C ALA A 338 27.30 22.17 -16.95
N LEU A 339 28.59 22.34 -16.66
CA LEU A 339 29.14 23.68 -16.47
C LEU A 339 29.11 24.46 -17.79
N LYS A 340 29.45 23.81 -18.91
CA LYS A 340 29.37 24.48 -20.20
C LYS A 340 27.94 24.85 -20.55
N TYR A 341 26.97 24.07 -20.07
CA TYR A 341 25.58 24.47 -20.21
C TYR A 341 25.30 25.77 -19.47
N ASN A 342 25.86 25.93 -18.26
CA ASN A 342 25.74 27.19 -17.55
C ASN A 342 26.44 28.33 -18.29
N GLY A 343 27.46 28.02 -19.09
CA GLY A 343 28.18 29.02 -19.83
C GLY A 343 27.53 29.49 -21.12
N GLY A 344 26.36 28.94 -21.47
CA GLY A 344 25.63 29.40 -22.63
C GLY A 344 25.58 28.42 -23.79
N VAL A 345 26.19 27.25 -23.66
CA VAL A 345 26.19 26.26 -24.73
C VAL A 345 24.83 25.59 -24.81
N ALA A 346 24.32 25.43 -26.02
CA ALA A 346 23.07 24.69 -26.21
C ALA A 346 23.25 23.23 -25.83
N LYS A 347 22.12 22.57 -25.57
CA LYS A 347 22.18 21.17 -25.16
C LYS A 347 22.80 20.28 -26.22
N ASP A 348 22.64 20.64 -27.50
CA ASP A 348 23.13 19.79 -28.58
C ASP A 348 24.59 20.01 -28.90
N GLN A 349 25.22 21.04 -28.33
CA GLN A 349 26.61 21.37 -28.63
C GLN A 349 27.55 21.07 -27.46
N LEU A 350 27.10 20.25 -26.50
CA LEU A 350 27.88 20.03 -25.29
C LEU A 350 29.09 19.13 -25.51
N ASN A 351 29.20 18.48 -26.67
CA ASN A 351 30.29 17.55 -26.91
C ASN A 351 31.54 18.18 -27.50
N ASN A 352 31.47 19.44 -27.91
CA ASN A 352 32.65 20.15 -28.38
C ASN A 352 33.33 20.85 -27.22
N GLU A 353 34.66 20.91 -27.27
CA GLU A 353 35.40 21.65 -26.25
C GLU A 353 35.09 23.13 -26.36
N ASN A 354 34.79 23.76 -25.21
CA ASN A 354 34.48 25.18 -25.21
C ASN A 354 34.98 25.75 -23.88
N LEU A 355 36.29 26.05 -23.85
CA LEU A 355 36.91 26.55 -22.64
C LEU A 355 36.34 27.91 -22.22
N GLU A 356 35.92 28.73 -23.19
CA GLU A 356 35.36 30.02 -22.85
C GLU A 356 34.01 29.86 -22.15
N ALA A 357 33.18 28.93 -22.63
CA ALA A 357 31.89 28.71 -21.99
C ALA A 357 32.04 27.93 -20.69
N LEU A 358 33.05 27.06 -20.59
CA LEU A 358 33.34 26.41 -19.32
C LEU A 358 33.73 27.43 -18.26
N GLU A 359 34.39 28.51 -18.67
CA GLU A 359 34.74 29.56 -17.71
C GLU A 359 33.55 30.43 -17.36
N LYS A 360 32.56 30.52 -18.25
CA LYS A 360 31.36 31.29 -17.95
C LYS A 360 30.40 30.54 -17.03
N GLY A 361 30.45 29.20 -17.05
CA GLY A 361 29.55 28.42 -16.22
C GLY A 361 30.17 27.96 -14.92
N LEU A 362 31.50 27.97 -14.87
CA LEU A 362 32.20 27.60 -13.64
C LEU A 362 31.77 28.38 -12.40
N PRO A 363 31.38 29.68 -12.48
CA PRO A 363 30.93 30.37 -11.26
C PRO A 363 29.80 29.68 -10.51
N ASN A 364 29.03 28.84 -11.19
CA ASN A 364 27.99 28.10 -10.49
C ASN A 364 28.59 27.11 -9.51
N LEU A 365 29.51 26.26 -9.98
CA LEU A 365 30.22 25.35 -9.10
C LEU A 365 30.98 26.10 -8.02
N LEU A 366 31.53 27.26 -8.36
CA LEU A 366 32.34 28.00 -7.40
C LEU A 366 31.50 28.56 -6.27
N LYS A 367 30.26 28.97 -6.58
CA LYS A 367 29.37 29.50 -5.55
C LYS A 367 28.97 28.42 -4.56
N HIS A 368 28.72 27.21 -5.06
CA HIS A 368 28.37 26.10 -4.15
C HIS A 368 29.54 25.73 -3.26
N ILE A 369 30.77 25.76 -3.81
CA ILE A 369 31.95 25.52 -2.98
C ILE A 369 32.04 26.54 -1.86
N GLU A 370 31.83 27.83 -2.20
CA GLU A 370 31.94 28.89 -1.19
C GLU A 370 30.89 28.72 -0.10
N ASN A 371 29.69 28.27 -0.46
CA ASN A 371 28.66 28.06 0.56
C ASN A 371 29.05 26.94 1.51
N ILE A 372 29.54 25.82 0.97
CA ILE A 372 29.88 24.68 1.82
C ILE A 372 31.07 25.02 2.70
N THR A 373 32.11 25.59 2.11
CA THR A 373 33.39 25.76 2.80
C THR A 373 33.48 27.06 3.60
N GLN A 374 32.71 28.09 3.25
CA GLN A 374 32.84 29.38 3.90
C GLN A 374 31.62 29.83 4.67
N VAL A 375 30.46 29.23 4.46
CA VAL A 375 29.28 29.52 5.26
C VAL A 375 29.03 28.44 6.29
N TYR A 376 29.00 27.17 5.87
CA TYR A 376 28.85 26.07 6.79
C TYR A 376 30.18 25.58 7.35
N LYS A 377 31.30 25.95 6.72
CA LYS A 377 32.65 25.64 7.21
C LYS A 377 32.88 24.13 7.28
N ILE A 378 32.49 23.43 6.22
CA ILE A 378 32.68 21.99 6.14
C ILE A 378 33.69 21.69 5.04
N PRO A 379 34.64 20.77 5.25
CA PRO A 379 35.57 20.40 4.18
C PRO A 379 34.84 19.79 2.99
N ALA A 380 35.26 20.20 1.79
CA ALA A 380 34.58 19.79 0.56
C ALA A 380 35.59 19.31 -0.48
N VAL A 381 35.12 18.45 -1.37
CA VAL A 381 35.90 18.00 -2.52
C VAL A 381 34.97 17.94 -3.73
N VAL A 382 35.44 18.47 -4.86
CA VAL A 382 34.67 18.44 -6.10
C VAL A 382 34.95 17.11 -6.81
N ALA A 383 33.88 16.40 -7.13
CA ALA A 383 33.97 15.15 -7.87
C ALA A 383 33.42 15.38 -9.26
N ILE A 384 34.29 15.29 -10.26
CA ILE A 384 33.89 15.43 -11.65
C ILE A 384 33.61 14.04 -12.21
N ASN A 385 32.39 13.82 -12.67
CA ASN A 385 32.05 12.58 -13.38
C ASN A 385 32.57 12.71 -14.80
N ARG A 386 33.71 12.10 -15.06
CA ARG A 386 34.43 12.32 -16.31
C ARG A 386 33.72 11.65 -17.48
N PHE A 387 33.67 12.36 -18.61
CA PHE A 387 33.13 11.88 -19.87
C PHE A 387 34.25 11.72 -20.88
N PRO A 388 34.09 10.82 -21.87
CA PRO A 388 35.20 10.54 -22.79
C PRO A 388 35.69 11.75 -23.56
N LEU A 389 34.80 12.68 -23.93
CA LEU A 389 35.18 13.86 -24.72
C LEU A 389 35.62 15.04 -23.87
N ASP A 390 35.87 14.84 -22.57
CA ASP A 390 36.36 15.92 -21.71
C ASP A 390 37.86 16.10 -21.97
N THR A 391 38.23 17.23 -22.57
CA THR A 391 39.63 17.48 -22.85
C THR A 391 40.40 17.72 -21.56
N ASP A 392 41.71 17.41 -21.59
CA ASP A 392 42.55 17.66 -20.44
C ASP A 392 42.56 19.14 -20.06
N ALA A 393 42.39 20.02 -21.04
CA ALA A 393 42.36 21.46 -20.75
C ALA A 393 41.11 21.83 -19.99
N GLU A 394 39.95 21.27 -20.38
CA GLU A 394 38.72 21.54 -19.64
C GLU A 394 38.85 21.08 -18.19
N LEU A 395 39.32 19.85 -17.99
CA LEU A 395 39.51 19.36 -16.63
C LEU A 395 40.53 20.18 -15.87
N ALA A 396 41.56 20.68 -16.55
CA ALA A 396 42.59 21.47 -15.88
C ALA A 396 42.08 22.84 -15.47
N LEU A 397 41.20 23.43 -16.28
CA LEU A 397 40.63 24.72 -15.92
C LEU A 397 39.75 24.61 -14.68
N VAL A 398 38.91 23.58 -14.63
CA VAL A 398 38.06 23.36 -13.45
C VAL A 398 38.93 23.12 -12.22
N ARG A 399 39.98 22.31 -12.36
CA ARG A 399 40.90 22.09 -11.25
C ARG A 399 41.52 23.39 -10.79
N SER A 400 41.85 24.27 -11.74
CA SER A 400 42.48 25.54 -11.43
C SER A 400 41.56 26.41 -10.56
N LYS A 401 40.36 26.69 -11.06
CA LYS A 401 39.47 27.61 -10.36
C LYS A 401 39.06 27.07 -9.00
N CYS A 402 38.91 25.75 -8.87
CA CYS A 402 38.49 25.17 -7.59
C CYS A 402 39.62 25.22 -6.57
N GLU A 403 40.86 25.05 -7.01
CA GLU A 403 41.98 25.11 -6.08
C GLU A 403 42.22 26.52 -5.57
N GLU A 404 41.72 27.54 -6.28
CA GLU A 404 41.77 28.90 -5.76
C GLU A 404 40.97 29.03 -4.48
N LEU A 405 39.92 28.21 -4.33
CA LEU A 405 39.11 28.19 -3.13
C LEU A 405 39.58 27.16 -2.10
N GLY A 406 40.67 26.44 -2.39
CA GLY A 406 41.21 25.48 -1.46
C GLY A 406 40.53 24.14 -1.48
N VAL A 407 40.07 23.69 -2.64
CA VAL A 407 39.32 22.45 -2.77
C VAL A 407 39.91 21.63 -3.91
N LYS A 408 40.33 20.41 -3.60
CA LYS A 408 40.85 19.51 -4.62
C LYS A 408 39.72 19.02 -5.52
N VAL A 409 40.09 18.65 -6.75
CA VAL A 409 39.16 18.09 -7.72
C VAL A 409 39.60 16.67 -8.00
N ALA A 410 38.72 15.70 -7.75
CA ALA A 410 38.99 14.30 -8.00
C ALA A 410 38.14 13.82 -9.18
N LEU A 411 38.77 13.10 -10.10
CA LEU A 411 38.06 12.58 -11.26
C LEU A 411 37.37 11.27 -10.92
N SER A 412 36.07 11.20 -11.20
CA SER A 412 35.25 10.05 -10.86
C SER A 412 34.90 9.29 -12.14
N GLU A 413 35.06 7.98 -12.10
CA GLU A 413 34.68 7.09 -13.19
C GLU A 413 33.91 5.91 -12.64
N VAL A 414 33.09 6.13 -11.62
CA VAL A 414 32.37 5.05 -10.98
C VAL A 414 31.33 4.46 -11.94
N TRP A 415 30.80 5.28 -12.84
CA TRP A 415 29.71 4.83 -13.71
C TRP A 415 30.17 3.71 -14.62
N ALA A 416 31.40 3.79 -15.13
CA ALA A 416 31.91 2.79 -16.05
C ALA A 416 32.85 1.77 -15.43
N ASN A 417 33.37 2.06 -14.22
CA ASN A 417 34.38 1.22 -13.60
C ASN A 417 34.00 0.71 -12.22
N GLY A 418 32.83 1.07 -11.71
CA GLY A 418 32.48 0.59 -10.38
C GLY A 418 33.30 1.28 -9.29
N GLY A 419 33.56 0.53 -8.22
CA GLY A 419 34.25 1.10 -7.08
C GLY A 419 35.66 1.54 -7.38
N GLU A 420 36.31 0.92 -8.37
CA GLU A 420 37.64 1.35 -8.77
C GLU A 420 37.62 2.81 -9.23
N GLY A 421 36.55 3.21 -9.91
CA GLY A 421 36.43 4.57 -10.40
C GLY A 421 36.18 5.61 -9.34
N GLY A 422 36.09 5.23 -8.07
CA GLY A 422 35.82 6.17 -7.01
C GLY A 422 36.96 6.28 -6.02
N ILE A 423 38.04 5.55 -6.26
CA ILE A 423 39.16 5.56 -5.31
C ILE A 423 39.73 6.96 -5.16
N GLU A 424 39.82 7.70 -6.27
CA GLU A 424 40.39 9.04 -6.21
C GLU A 424 39.54 9.97 -5.36
N VAL A 425 38.21 9.90 -5.51
CA VAL A 425 37.32 10.70 -4.68
C VAL A 425 37.38 10.23 -3.23
N ALA A 426 37.27 8.92 -3.01
CA ALA A 426 37.27 8.39 -1.65
C ALA A 426 38.54 8.73 -0.90
N ASN A 427 39.68 8.74 -1.58
CA ASN A 427 40.94 9.07 -0.91
C ASN A 427 40.94 10.50 -0.39
N GLU A 428 40.47 11.44 -1.20
CA GLU A 428 40.43 12.83 -0.74
C GLU A 428 39.41 13.01 0.38
N VAL A 429 38.34 12.21 0.38
CA VAL A 429 37.39 12.27 1.49
C VAL A 429 38.03 11.78 2.77
N LEU A 430 38.79 10.68 2.71
CA LEU A 430 39.49 10.20 3.89
C LEU A 430 40.54 11.20 4.34
N LYS A 431 41.19 11.89 3.41
CA LYS A 431 42.14 12.93 3.77
C LYS A 431 41.44 14.11 4.44
N LEU A 432 40.24 14.45 3.98
CA LEU A 432 39.52 15.58 4.53
C LEU A 432 39.00 15.28 5.93
N ILE A 433 38.72 14.02 6.24
CA ILE A 433 38.20 13.69 7.56
C ILE A 433 39.31 13.74 8.61
N GLU A 434 40.49 13.23 8.29
CA GLU A 434 41.58 13.20 9.28
C GLU A 434 42.13 14.59 9.55
N GLU A 435 42.15 15.46 8.54
CA GLU A 435 42.69 16.81 8.68
C GLU A 435 41.63 17.84 9.05
N GLY A 436 40.36 17.44 9.15
CA GLY A 436 39.30 18.39 9.39
C GLY A 436 39.12 18.71 10.86
N GLU A 437 38.39 19.80 11.11
CA GLU A 437 38.05 20.23 12.45
C GLU A 437 36.55 20.48 12.54
N ASN A 438 36.06 20.61 13.78
CA ASN A 438 34.64 20.87 14.02
C ASN A 438 34.44 22.38 13.93
N ASN A 439 34.12 22.86 12.74
CA ASN A 439 33.80 24.28 12.52
C ASN A 439 32.40 24.47 11.96
N PHE A 440 31.59 23.41 11.91
CA PHE A 440 30.29 23.46 11.26
C PHE A 440 29.39 24.51 11.91
N GLU A 441 28.78 25.35 11.08
CA GLU A 441 27.82 26.35 11.52
C GLU A 441 26.56 26.27 10.67
N TYR A 442 25.41 26.47 11.31
CA TYR A 442 24.18 26.64 10.56
C TYR A 442 24.22 27.95 9.79
N CYS A 443 23.35 28.06 8.78
CA CYS A 443 23.24 29.31 8.04
C CYS A 443 22.48 30.37 8.83
N TYR A 444 21.64 29.97 9.77
CA TYR A 444 20.88 30.90 10.60
C TYR A 444 20.59 30.24 11.94
N GLU A 445 20.08 31.03 12.87
CA GLU A 445 19.74 30.57 14.20
C GLU A 445 18.23 30.45 14.36
N GLU A 446 17.80 29.51 15.22
CA GLU A 446 16.38 29.26 15.40
C GLU A 446 15.64 30.45 16.00
N ASP A 447 16.36 31.35 16.68
CA ASP A 447 15.72 32.47 17.38
C ASP A 447 15.23 33.54 16.41
N MET A 448 15.86 33.68 15.25
CA MET A 448 15.53 34.73 14.30
C MET A 448 14.10 34.58 13.80
N THR A 449 13.54 35.69 13.31
CA THR A 449 12.20 35.63 12.75
C THR A 449 12.22 34.96 11.38
N ILE A 450 11.03 34.69 10.85
CA ILE A 450 10.91 33.99 9.58
C ILE A 450 11.58 34.79 8.47
N LYS A 451 11.30 36.09 8.40
CA LYS A 451 11.87 36.92 7.34
C LYS A 451 13.37 37.08 7.50
N GLU A 452 13.88 37.02 8.73
CA GLU A 452 15.32 37.02 8.93
C GLU A 452 15.94 35.71 8.47
N LYS A 453 15.31 34.59 8.81
CA LYS A 453 15.81 33.30 8.33
C LYS A 453 15.75 33.24 6.81
N LEU A 454 14.70 33.78 6.21
CA LEU A 454 14.63 33.85 4.75
C LEU A 454 15.72 34.74 4.19
N ASN A 455 15.93 35.91 4.79
CA ASN A 455 16.95 36.81 4.29
C ASN A 455 18.35 36.23 4.44
N ALA A 456 18.55 35.38 5.46
CA ALA A 456 19.84 34.74 5.64
C ALA A 456 20.13 33.74 4.52
N ILE A 457 19.13 32.94 4.14
CA ILE A 457 19.34 31.95 3.09
C ILE A 457 19.48 32.63 1.74
N ALA A 458 18.64 33.61 1.45
CA ALA A 458 18.65 34.25 0.13
C ALA A 458 20.00 34.94 -0.12
N THR A 459 20.52 35.63 0.89
CA THR A 459 21.75 36.38 0.71
C THR A 459 22.98 35.48 0.79
N LYS A 460 23.08 34.67 1.85
CA LYS A 460 24.28 33.88 2.05
C LYS A 460 24.39 32.73 1.06
N ILE A 461 23.28 32.04 0.79
CA ILE A 461 23.32 30.83 -0.03
C ILE A 461 23.03 31.13 -1.49
N TYR A 462 21.96 31.88 -1.77
CA TYR A 462 21.56 32.10 -3.15
C TYR A 462 22.31 33.26 -3.79
N GLY A 463 22.76 34.23 -3.01
CA GLY A 463 23.40 35.41 -3.55
C GLY A 463 22.46 36.52 -3.93
N ALA A 464 21.31 36.62 -3.27
CA ALA A 464 20.33 37.64 -3.58
C ALA A 464 20.60 38.91 -2.78
N ASP A 465 20.05 40.02 -3.28
CA ASP A 465 20.11 41.26 -2.52
C ASP A 465 19.16 41.25 -1.33
N GLY A 466 18.11 40.44 -1.38
CA GLY A 466 17.14 40.40 -0.31
C GLY A 466 15.93 39.58 -0.71
N VAL A 467 14.88 39.71 0.08
CA VAL A 467 13.64 38.98 -0.13
C VAL A 467 12.48 39.96 -0.18
N ASN A 468 11.64 39.84 -1.20
CA ASN A 468 10.40 40.59 -1.31
C ASN A 468 9.22 39.68 -1.01
N TYR A 469 8.16 40.28 -0.45
CA TYR A 469 6.98 39.54 -0.02
C TYR A 469 5.73 40.21 -0.59
N THR A 470 4.77 39.38 -1.03
CA THR A 470 3.48 39.90 -1.43
C THR A 470 2.64 40.26 -0.20
N LYS A 471 1.48 40.86 -0.44
CA LYS A 471 0.59 41.18 0.68
C LYS A 471 0.11 39.91 1.37
N GLU A 472 -0.30 38.91 0.57
CA GLU A 472 -0.78 37.65 1.15
C GLU A 472 0.36 36.91 1.85
N ALA A 473 1.57 36.97 1.29
CA ALA A 473 2.71 36.34 1.95
C ALA A 473 2.98 36.99 3.31
N ASN A 474 2.85 38.31 3.40
CA ASN A 474 3.08 38.99 4.67
C ASN A 474 2.03 38.59 5.69
N LYS A 475 0.76 38.52 5.29
CA LYS A 475 -0.29 38.15 6.24
C LYS A 475 -0.07 36.72 6.75
N GLN A 476 0.33 35.81 5.87
CA GLN A 476 0.57 34.44 6.29
C GLN A 476 1.77 34.35 7.22
N ILE A 477 2.85 35.05 6.89
CA ILE A 477 4.02 35.07 7.77
C ILE A 477 3.66 35.72 9.09
N ALA A 478 2.87 36.79 9.06
CA ALA A 478 2.44 37.44 10.30
C ALA A 478 1.61 36.50 11.16
N GLU A 479 0.68 35.77 10.54
CA GLU A 479 -0.16 34.83 11.29
C GLU A 479 0.66 33.68 11.87
N LEU A 480 1.66 33.22 11.12
CA LEU A 480 2.55 32.17 11.63
C LEU A 480 3.36 32.65 12.83
N GLU A 481 3.70 33.94 12.87
CA GLU A 481 4.38 34.48 14.03
C GLU A 481 3.46 34.48 15.25
N GLU A 482 2.21 34.92 15.06
CA GLU A 482 1.26 34.98 16.19
C GLU A 482 1.01 33.58 16.76
N LEU A 483 0.82 32.59 15.90
CA LEU A 483 0.51 31.25 16.37
C LEU A 483 1.70 30.56 17.03
N GLY A 484 2.89 31.13 16.93
CA GLY A 484 4.04 30.57 17.59
C GLY A 484 4.88 29.61 16.78
N PHE A 485 4.94 29.82 15.47
CA PHE A 485 5.77 28.98 14.59
C PHE A 485 7.01 29.72 14.10
N GLY A 486 7.27 30.93 14.59
CA GLY A 486 8.43 31.69 14.18
C GLY A 486 9.77 31.13 14.60
N ASN A 487 9.78 30.06 15.40
CA ASN A 487 11.01 29.47 15.91
C ASN A 487 11.51 28.29 15.08
N LEU A 488 10.74 27.85 14.09
CA LEU A 488 11.10 26.69 13.30
C LEU A 488 12.00 27.08 12.13
N PRO A 489 12.73 26.13 11.56
CA PRO A 489 13.47 26.41 10.34
C PRO A 489 12.54 26.73 9.17
N VAL A 490 13.11 27.27 8.12
CA VAL A 490 12.39 27.64 6.91
C VAL A 490 12.83 26.74 5.77
N CYS A 491 11.87 26.22 5.02
CA CYS A 491 12.12 25.31 3.91
C CYS A 491 11.71 26.05 2.63
N VAL A 492 12.68 26.65 1.96
CA VAL A 492 12.39 27.49 0.80
C VAL A 492 12.12 26.62 -0.41
N ALA A 493 10.94 26.79 -1.01
CA ALA A 493 10.54 26.05 -2.21
C ALA A 493 10.72 26.97 -3.41
N LYS A 494 11.83 26.81 -4.11
CA LYS A 494 12.11 27.58 -5.31
C LYS A 494 12.60 26.64 -6.40
N THR A 495 12.88 27.19 -7.58
CA THR A 495 13.38 26.37 -8.68
C THR A 495 14.73 25.77 -8.33
N GLN A 496 15.00 24.60 -8.89
CA GLN A 496 16.28 23.95 -8.68
C GLN A 496 17.28 24.25 -9.79
N TYR A 497 16.81 24.77 -10.91
CA TYR A 497 17.67 24.98 -12.07
C TYR A 497 18.50 26.26 -11.96
N SER A 498 18.41 26.98 -10.85
CA SER A 498 19.12 28.25 -10.71
C SER A 498 19.37 28.55 -9.24
N LEU A 499 20.41 29.34 -8.98
CA LEU A 499 20.61 29.86 -7.63
C LEU A 499 19.50 30.83 -7.24
N SER A 500 18.93 31.53 -8.21
CA SER A 500 17.86 32.48 -7.94
C SER A 500 16.52 31.75 -7.93
N ASP A 501 15.43 32.51 -7.84
CA ASP A 501 14.10 31.97 -8.07
C ASP A 501 13.67 32.08 -9.52
N ASP A 502 14.61 32.40 -10.43
CA ASP A 502 14.35 32.51 -11.86
C ASP A 502 15.12 31.39 -12.55
N GLN A 503 14.38 30.40 -13.07
CA GLN A 503 15.01 29.22 -13.66
C GLN A 503 15.87 29.53 -14.87
N THR A 504 15.71 30.71 -15.49
CA THR A 504 16.49 31.05 -16.66
C THR A 504 17.87 31.62 -16.30
N LYS A 505 18.03 32.17 -15.10
CA LYS A 505 19.31 32.77 -14.69
C LYS A 505 20.28 31.66 -14.33
N LEU A 506 21.08 31.24 -15.30
CA LEU A 506 22.09 30.21 -15.09
C LEU A 506 23.37 30.83 -14.53
N GLY A 507 24.38 29.99 -14.31
CA GLY A 507 25.66 30.46 -13.82
C GLY A 507 25.62 30.93 -12.37
N ARG A 508 25.83 32.23 -12.17
CA ARG A 508 25.91 32.81 -10.83
C ARG A 508 25.26 34.18 -10.86
N PRO A 509 23.93 34.24 -10.81
CA PRO A 509 23.23 35.53 -10.86
C PRO A 509 23.60 36.40 -9.67
N THR A 510 23.50 37.72 -9.87
CA THR A 510 24.03 38.67 -8.89
C THR A 510 23.03 39.74 -8.45
N GLY A 511 22.32 40.37 -9.37
CA GLY A 511 21.51 41.50 -8.98
C GLY A 511 20.06 41.20 -8.70
N PHE A 512 19.75 39.96 -8.32
CA PHE A 512 18.36 39.55 -8.19
C PHE A 512 17.87 39.65 -6.75
N THR A 513 16.55 39.64 -6.60
CA THR A 513 15.90 39.54 -5.30
C THR A 513 14.90 38.40 -5.35
N ILE A 514 14.65 37.80 -4.19
CA ILE A 514 13.75 36.66 -4.07
C ILE A 514 12.33 37.18 -3.86
N GLU A 515 11.38 36.60 -4.58
CA GLU A 515 9.96 36.95 -4.47
C GLU A 515 9.23 35.81 -3.77
N VAL A 516 8.68 36.09 -2.59
CA VAL A 516 7.93 35.11 -1.82
C VAL A 516 6.44 35.36 -2.03
N ARG A 517 5.73 34.35 -2.54
CA ARG A 517 4.31 34.49 -2.82
C ARG A 517 3.41 33.85 -1.77
N GLN A 518 3.96 32.98 -0.92
CA GLN A 518 3.11 32.21 0.00
C GLN A 518 3.97 31.54 1.06
N ALA A 519 3.41 31.39 2.26
CA ALA A 519 4.07 30.72 3.37
C ALA A 519 3.08 29.80 4.06
N ASN A 520 3.51 28.57 4.35
CA ASN A 520 2.69 27.57 5.02
C ASN A 520 3.50 26.95 6.16
N ILE A 521 2.80 26.19 7.00
CA ILE A 521 3.41 25.61 8.19
C ILE A 521 3.35 24.10 8.07
N SER A 522 4.49 23.45 8.28
CA SER A 522 4.58 21.99 8.42
C SER A 522 4.99 21.70 9.86
N ALA A 523 4.03 21.79 10.77
CA ALA A 523 4.35 21.65 12.19
C ALA A 523 4.73 20.22 12.54
N GLY A 524 4.24 19.24 11.78
CA GLY A 524 4.62 17.86 12.04
C GLY A 524 6.06 17.57 11.64
N ALA A 525 6.48 18.07 10.48
CA ALA A 525 7.89 17.97 10.10
C ALA A 525 8.75 18.92 10.91
N GLY A 526 8.21 20.09 11.23
CA GLY A 526 8.91 21.07 12.03
C GLY A 526 9.54 22.21 11.28
N PHE A 527 9.00 22.61 10.12
CA PHE A 527 9.52 23.77 9.42
C PHE A 527 8.38 24.52 8.75
N VAL A 528 8.68 25.78 8.41
CA VAL A 528 7.75 26.65 7.69
C VAL A 528 8.13 26.62 6.22
N VAL A 529 7.17 26.31 5.36
CA VAL A 529 7.39 26.23 3.92
C VAL A 529 7.10 27.59 3.31
N VAL A 530 7.98 28.03 2.41
CA VAL A 530 7.91 29.35 1.79
C VAL A 530 8.00 29.17 0.28
N MET A 531 7.03 29.73 -0.44
CA MET A 531 6.90 29.52 -1.88
C MET A 531 7.42 30.73 -2.65
N THR A 532 8.13 30.47 -3.74
CA THR A 532 8.53 31.52 -4.69
C THR A 532 7.75 31.44 -6.00
N GLY A 533 6.89 30.45 -6.17
CA GLY A 533 6.10 30.30 -7.36
C GLY A 533 5.06 29.22 -7.20
N GLU A 534 4.75 28.52 -8.28
CA GLU A 534 3.79 27.41 -8.25
C GLU A 534 4.53 26.09 -8.05
N ILE A 535 3.96 25.22 -7.23
CA ILE A 535 4.55 23.92 -6.91
C ILE A 535 3.58 22.83 -7.32
N MET A 536 4.04 21.93 -8.20
CA MET A 536 3.21 20.82 -8.68
C MET A 536 3.37 19.65 -7.71
N LYS A 537 2.35 19.43 -6.90
CA LYS A 537 2.33 18.31 -5.96
C LYS A 537 1.64 17.08 -6.53
N MET A 538 1.24 17.12 -7.80
CA MET A 538 0.58 15.99 -8.44
C MET A 538 0.79 16.05 -9.95
N PRO A 539 1.86 15.43 -10.44
CA PRO A 539 2.15 15.48 -11.88
C PRO A 539 1.16 14.65 -12.68
N GLY A 540 1.07 14.98 -13.97
CA GLY A 540 0.18 14.30 -14.88
C GLY A 540 0.85 13.21 -15.70
N LEU A 541 0.04 12.32 -16.23
CA LEU A 541 0.53 11.27 -17.13
C LEU A 541 0.78 11.84 -18.52
N PRO A 542 1.79 11.33 -19.22
CA PRO A 542 2.05 11.79 -20.59
C PRO A 542 0.97 11.29 -21.54
N LYS A 543 1.03 11.81 -22.77
CA LYS A 543 0.08 11.38 -23.80
C LYS A 543 0.16 9.87 -24.01
N LEU A 544 1.36 9.33 -24.07
CA LEU A 544 1.59 7.89 -24.13
C LEU A 544 2.26 7.46 -22.84
N PRO A 545 1.51 6.95 -21.86
CA PRO A 545 2.13 6.55 -20.59
C PRO A 545 3.02 5.34 -20.78
N ALA A 546 4.13 5.33 -20.05
CA ALA A 546 5.06 4.21 -20.09
C ALA A 546 4.42 2.90 -19.66
N ALA A 547 3.28 2.96 -18.95
CA ALA A 547 2.61 1.75 -18.49
C ALA A 547 2.03 0.93 -19.63
N GLU A 548 1.85 1.52 -20.81
CA GLU A 548 1.33 0.76 -21.94
C GLU A 548 2.34 -0.27 -22.44
N ARG A 549 3.63 -0.01 -22.25
CA ARG A 549 4.69 -0.94 -22.64
C ARG A 549 5.00 -1.96 -21.57
N ILE A 550 4.49 -1.79 -20.35
CA ILE A 550 4.80 -2.71 -19.26
C ILE A 550 3.95 -3.97 -19.41
N ASP A 551 4.58 -5.13 -19.21
CA ASP A 551 3.91 -6.40 -19.43
C ASP A 551 4.50 -7.45 -18.48
N VAL A 552 3.82 -8.60 -18.41
CA VAL A 552 4.23 -9.73 -17.58
C VAL A 552 4.07 -11.01 -18.39
N ASP A 553 5.03 -11.91 -18.30
CA ASP A 553 4.97 -13.17 -19.01
C ASP A 553 4.27 -14.24 -18.16
N GLU A 554 4.21 -15.46 -18.70
CA GLU A 554 3.52 -16.55 -18.02
C GLU A 554 4.22 -16.98 -16.74
N ASN A 555 5.51 -16.69 -16.60
CA ASN A 555 6.26 -17.04 -15.39
C ASN A 555 6.37 -15.89 -14.41
N GLY A 556 5.68 -14.79 -14.68
CA GLY A 556 5.75 -13.63 -13.80
C GLY A 556 7.02 -12.83 -13.91
N LYS A 557 7.49 -12.60 -15.12
CA LYS A 557 8.66 -11.75 -15.36
C LYS A 557 8.19 -10.45 -15.99
N ILE A 558 8.56 -9.33 -15.38
CA ILE A 558 8.11 -8.02 -15.82
C ILE A 558 9.05 -7.50 -16.90
N SER A 559 8.47 -6.93 -17.96
CA SER A 559 9.22 -6.31 -19.03
C SER A 559 8.65 -4.92 -19.29
N GLY A 560 9.49 -4.06 -19.87
CA GLY A 560 9.08 -2.72 -20.23
C GLY A 560 9.18 -1.70 -19.13
N LEU A 561 9.63 -2.09 -17.93
CA LEU A 561 9.76 -1.13 -16.83
C LEU A 561 10.83 -0.09 -17.12
N PHE A 562 11.91 -0.48 -17.78
CA PHE A 562 13.04 0.41 -18.01
C PHE A 562 13.40 0.42 -19.49
N MET B 4 -16.45 -14.70 40.97
CA MET B 4 -15.35 -14.01 40.30
C MET B 4 -15.35 -14.25 38.80
N MET B 5 -14.24 -13.98 38.12
CA MET B 5 -14.11 -14.36 36.73
C MET B 5 -12.67 -14.68 36.40
N GLU B 6 -12.48 -15.31 35.25
CA GLU B 6 -11.17 -15.53 34.65
C GLU B 6 -11.43 -15.93 33.21
N PHE B 7 -10.78 -15.25 32.28
CA PHE B 7 -11.08 -15.39 30.86
C PHE B 7 -9.91 -14.84 30.07
N LYS B 8 -9.91 -15.13 28.78
CA LYS B 8 -8.84 -14.77 27.88
C LYS B 8 -9.44 -14.25 26.57
N THR B 9 -9.13 -13.00 26.24
CA THR B 9 -9.51 -12.44 24.96
C THR B 9 -8.70 -13.07 23.83
N ASP B 10 -9.20 -12.93 22.61
CA ASP B 10 -8.53 -13.54 21.46
C ASP B 10 -7.12 -13.00 21.27
N ILE B 11 -6.89 -11.73 21.59
CA ILE B 11 -5.55 -11.17 21.44
C ILE B 11 -4.61 -11.74 22.49
N GLU B 12 -5.12 -12.00 23.71
CA GLU B 12 -4.30 -12.66 24.72
C GLU B 12 -3.96 -14.07 24.29
N ILE B 13 -4.89 -14.77 23.63
CA ILE B 13 -4.59 -16.10 23.11
C ILE B 13 -3.55 -16.01 22.00
N ALA B 14 -3.64 -14.97 21.17
CA ALA B 14 -2.68 -14.80 20.09
C ALA B 14 -1.31 -14.39 20.61
N GLN B 15 -1.29 -13.54 21.63
CA GLN B 15 -0.01 -13.13 22.22
C GLN B 15 0.73 -14.32 22.82
N GLU B 16 0.03 -15.12 23.62
CA GLU B 16 0.63 -16.23 24.34
C GLU B 16 0.90 -17.44 23.44
N ALA B 17 0.67 -17.34 22.14
CA ALA B 17 0.89 -18.46 21.26
C ALA B 17 2.39 -18.71 21.06
N ASN B 18 2.70 -19.89 20.52
CA ASN B 18 4.06 -20.28 20.17
C ASN B 18 4.09 -20.58 18.68
N PRO B 19 4.17 -19.56 17.83
CA PRO B 19 4.14 -19.79 16.38
C PRO B 19 5.47 -20.34 15.89
N GLN B 20 5.40 -21.39 15.08
CA GLN B 20 6.62 -21.94 14.51
C GLN B 20 7.17 -21.02 13.44
N ASP B 21 8.45 -21.22 13.11
CA ASP B 21 9.02 -20.55 11.96
C ASP B 21 8.25 -21.00 10.71
N ILE B 22 7.92 -20.03 9.86
CA ILE B 22 7.11 -20.33 8.68
C ILE B 22 7.83 -21.31 7.76
N ARG B 23 9.16 -21.39 7.87
CA ARG B 23 9.90 -22.37 7.08
C ARG B 23 9.55 -23.78 7.49
N ASP B 24 9.34 -24.01 8.79
CA ASP B 24 8.89 -25.32 9.25
C ASP B 24 7.47 -25.60 8.79
N ILE B 25 6.60 -24.59 8.85
CA ILE B 25 5.24 -24.75 8.33
C ILE B 25 5.29 -25.13 6.86
N ALA B 26 6.19 -24.49 6.10
CA ALA B 26 6.33 -24.82 4.70
C ALA B 26 6.83 -26.25 4.50
N LYS B 27 7.69 -26.73 5.40
CA LYS B 27 8.19 -28.10 5.29
C LYS B 27 7.05 -29.12 5.40
N LYS B 28 6.01 -28.80 6.17
CA LYS B 28 4.88 -29.71 6.35
C LYS B 28 4.08 -29.94 5.06
N ILE B 29 4.28 -29.11 4.04
CA ILE B 29 3.57 -29.30 2.78
C ILE B 29 4.58 -29.38 1.64
N ASN B 30 5.78 -29.88 1.94
CA ASN B 30 6.81 -30.21 0.95
C ASN B 30 7.31 -28.97 0.22
N LEU B 31 7.26 -27.82 0.86
CA LEU B 31 7.73 -26.57 0.29
C LEU B 31 9.14 -26.31 0.78
N SER B 32 10.11 -26.40 -0.13
CA SER B 32 11.50 -26.10 0.20
C SER B 32 11.66 -24.62 0.49
N GLU B 33 12.82 -24.25 1.02
CA GLU B 33 13.10 -22.84 1.25
C GLU B 33 13.20 -22.07 -0.06
N ASP B 34 13.59 -22.75 -1.13
CA ASP B 34 13.70 -22.13 -2.45
C ASP B 34 12.37 -22.00 -3.16
N ASP B 35 11.26 -22.36 -2.52
CA ASP B 35 9.93 -22.16 -3.06
C ASP B 35 9.16 -21.08 -2.31
N ILE B 36 9.83 -20.36 -1.41
CA ILE B 36 9.19 -19.52 -0.42
C ILE B 36 9.91 -18.17 -0.37
N GLU B 37 9.13 -17.09 -0.34
CA GLU B 37 9.64 -15.76 -0.05
C GLU B 37 9.20 -15.38 1.36
N LEU B 38 10.15 -15.21 2.25
CA LEU B 38 9.82 -14.92 3.64
C LEU B 38 9.42 -13.46 3.79
N TYR B 39 8.46 -13.23 4.70
CA TYR B 39 8.08 -11.89 5.15
C TYR B 39 8.15 -11.95 6.67
N GLY B 40 9.34 -11.74 7.21
CA GLY B 40 9.59 -12.12 8.58
C GLY B 40 9.64 -13.64 8.65
N LYS B 41 9.70 -14.14 9.88
CA LYS B 41 9.77 -15.58 10.07
C LYS B 41 8.42 -16.21 10.37
N TYR B 42 7.33 -15.45 10.25
CA TYR B 42 6.00 -16.00 10.47
C TYR B 42 5.05 -15.78 9.31
N LYS B 43 5.48 -15.12 8.24
CA LYS B 43 4.69 -14.95 7.03
C LYS B 43 5.55 -15.33 5.84
N ALA B 44 4.91 -15.78 4.77
CA ALA B 44 5.65 -16.22 3.60
C ALA B 44 4.76 -16.19 2.39
N LYS B 45 5.38 -16.00 1.22
CA LYS B 45 4.67 -16.02 -0.06
C LYS B 45 5.15 -17.21 -0.87
N ILE B 46 4.21 -17.92 -1.49
CA ILE B 46 4.48 -19.16 -2.18
C ILE B 46 4.55 -18.90 -3.67
N ASP B 47 5.62 -19.36 -4.30
CA ASP B 47 5.73 -19.23 -5.75
C ASP B 47 4.63 -20.04 -6.42
N TYR B 48 3.90 -19.42 -7.34
CA TYR B 48 2.85 -20.14 -8.05
C TYR B 48 3.40 -21.10 -9.09
N ASN B 49 4.71 -21.06 -9.34
CA ASN B 49 5.38 -21.96 -10.28
C ASN B 49 5.79 -23.27 -9.63
N VAL B 50 5.42 -23.51 -8.38
CA VAL B 50 5.65 -24.82 -7.78
C VAL B 50 4.64 -25.83 -8.31
N LEU B 51 3.47 -25.36 -8.73
CA LEU B 51 2.48 -26.25 -9.32
C LEU B 51 3.03 -26.94 -10.55
N ASN B 52 3.76 -26.21 -11.40
CA ASN B 52 4.24 -26.75 -12.67
C ASN B 52 5.43 -27.70 -12.52
N ARG B 53 6.03 -27.80 -11.33
CA ARG B 53 7.20 -28.64 -11.14
C ARG B 53 7.03 -29.65 -10.01
N THR B 54 5.81 -29.88 -9.53
CA THR B 54 5.54 -30.88 -8.49
C THR B 54 4.32 -31.71 -8.89
N LYS B 55 4.13 -32.82 -8.20
CA LYS B 55 3.04 -33.74 -8.48
C LYS B 55 1.84 -33.40 -7.61
N SER B 56 0.67 -33.27 -8.24
CA SER B 56 -0.54 -32.87 -7.52
C SER B 56 -1.02 -34.01 -6.63
N ARG B 57 -1.25 -33.71 -5.35
CA ARG B 57 -1.79 -34.70 -4.44
C ARG B 57 -3.29 -34.90 -4.62
N ALA B 58 -3.96 -34.06 -5.41
CA ALA B 58 -5.39 -34.17 -5.68
C ALA B 58 -6.19 -34.25 -4.37
N GLY B 59 -5.93 -33.29 -3.49
CA GLY B 59 -6.60 -33.28 -2.19
C GLY B 59 -8.09 -33.04 -2.30
N LYS B 60 -8.77 -33.32 -1.20
CA LYS B 60 -10.22 -33.11 -1.13
C LYS B 60 -10.51 -31.66 -0.77
N LEU B 61 -11.73 -31.22 -1.11
CA LEU B 61 -12.15 -29.84 -0.88
C LEU B 61 -13.33 -29.83 0.09
N ILE B 62 -13.17 -29.12 1.19
CA ILE B 62 -14.19 -29.00 2.23
C ILE B 62 -14.61 -27.55 2.30
N LEU B 63 -15.85 -27.27 1.91
CA LEU B 63 -16.39 -25.92 1.89
C LEU B 63 -17.18 -25.67 3.18
N THR B 64 -16.80 -24.64 3.92
CA THR B 64 -17.51 -24.26 5.14
C THR B 64 -18.42 -23.09 4.86
N THR B 65 -19.69 -23.21 5.26
CA THR B 65 -20.64 -22.13 5.12
C THR B 65 -21.45 -22.04 6.41
N ALA B 66 -22.58 -21.35 6.35
CA ALA B 66 -23.36 -21.09 7.55
C ALA B 66 -24.75 -20.64 7.14
N ILE B 67 -25.62 -20.50 8.15
CA ILE B 67 -26.96 -19.97 7.97
C ILE B 67 -26.84 -18.47 7.73
N ASN B 68 -27.96 -17.82 7.45
CA ASN B 68 -27.94 -16.37 7.30
C ASN B 68 -27.33 -15.72 8.54
N PRO B 69 -26.51 -14.70 8.38
CA PRO B 69 -25.88 -14.06 9.55
C PRO B 69 -26.92 -13.41 10.44
N THR B 70 -26.71 -13.53 11.74
CA THR B 70 -27.55 -12.96 12.79
C THR B 70 -26.69 -12.16 13.75
N PRO B 71 -27.30 -11.24 14.51
CA PRO B 71 -26.54 -10.55 15.57
C PRO B 71 -26.00 -11.49 16.63
N ALA B 72 -26.46 -12.74 16.68
CA ALA B 72 -25.94 -13.70 17.64
C ALA B 72 -24.58 -14.24 17.26
N GLY B 73 -24.20 -14.16 15.98
CA GLY B 73 -22.97 -14.75 15.51
C GLY B 73 -23.06 -16.25 15.36
N GLU B 74 -22.39 -16.80 14.34
CA GLU B 74 -22.39 -18.23 14.10
C GLU B 74 -21.01 -18.87 14.22
N GLY B 75 -19.94 -18.09 14.02
CA GLY B 75 -18.59 -18.64 14.10
C GLY B 75 -18.21 -19.49 12.92
N LYS B 76 -18.39 -18.95 11.71
CA LYS B 76 -18.06 -19.70 10.51
C LYS B 76 -16.56 -19.92 10.40
N THR B 77 -15.78 -18.85 10.50
CA THR B 77 -14.34 -18.97 10.30
C THR B 77 -13.67 -19.68 11.45
N THR B 78 -14.20 -19.52 12.67
CA THR B 78 -13.67 -20.27 13.80
C THR B 78 -13.82 -21.77 13.59
N THR B 79 -14.94 -22.19 12.99
CA THR B 79 -15.15 -23.61 12.72
C THR B 79 -14.23 -24.10 11.61
N SER B 80 -13.98 -23.27 10.60
CA SER B 80 -13.06 -23.64 9.53
C SER B 80 -11.67 -23.95 10.09
N ILE B 81 -11.12 -23.03 10.88
CA ILE B 81 -9.80 -23.24 11.47
C ILE B 81 -9.83 -24.43 12.42
N GLY B 82 -10.89 -24.55 13.22
CA GLY B 82 -10.95 -25.62 14.19
C GLY B 82 -11.04 -26.99 13.55
N VAL B 83 -11.88 -27.13 12.51
CA VAL B 83 -12.00 -28.40 11.81
C VAL B 83 -10.67 -28.76 11.13
N ALA B 84 -10.00 -27.75 10.56
CA ALA B 84 -8.69 -28.00 9.96
C ALA B 84 -7.70 -28.50 11.01
N ASP B 85 -7.66 -27.86 12.18
CA ASP B 85 -6.81 -28.34 13.26
C ASP B 85 -7.19 -29.74 13.71
N ALA B 86 -8.48 -30.05 13.70
CA ALA B 86 -8.93 -31.40 14.07
C ALA B 86 -8.38 -32.44 13.12
N LEU B 87 -8.53 -32.23 11.81
CA LEU B 87 -7.95 -33.13 10.83
C LEU B 87 -6.45 -33.28 11.03
N ALA B 88 -5.78 -32.23 11.51
CA ALA B 88 -4.36 -32.34 11.80
C ALA B 88 -4.11 -33.26 12.98
N LYS B 89 -4.95 -33.16 14.02
CA LYS B 89 -4.87 -34.10 15.13
C LYS B 89 -5.08 -35.54 14.67
N LEU B 90 -5.90 -35.73 13.64
CA LEU B 90 -6.15 -37.06 13.08
C LEU B 90 -5.06 -37.51 12.12
N GLY B 91 -3.92 -36.84 12.10
CA GLY B 91 -2.83 -37.25 11.23
C GLY B 91 -3.02 -36.97 9.76
N LYS B 92 -3.98 -36.13 9.39
CA LYS B 92 -4.23 -35.82 8.00
C LYS B 92 -3.36 -34.64 7.56
N ASN B 93 -3.02 -34.63 6.27
CA ASN B 93 -2.27 -33.52 5.67
C ASN B 93 -3.29 -32.52 5.13
N VAL B 94 -3.48 -31.41 5.86
CA VAL B 94 -4.59 -30.50 5.63
C VAL B 94 -4.10 -29.06 5.62
N ILE B 95 -4.74 -28.25 4.77
CA ILE B 95 -4.48 -26.81 4.68
C ILE B 95 -5.80 -26.08 4.82
N ALA B 96 -5.80 -24.98 5.57
CA ALA B 96 -6.94 -24.08 5.68
C ALA B 96 -6.79 -22.95 4.66
N ALA B 97 -7.84 -22.70 3.89
CA ALA B 97 -7.86 -21.62 2.91
C ALA B 97 -8.86 -20.55 3.37
N LEU B 98 -8.36 -19.35 3.61
CA LEU B 98 -9.17 -18.26 4.13
C LEU B 98 -8.90 -16.97 3.35
N ARG B 99 -9.73 -15.96 3.60
CA ARG B 99 -9.57 -14.66 2.97
C ARG B 99 -8.69 -13.75 3.83
N GLU B 100 -8.21 -12.63 3.21
CA GLU B 100 -7.48 -11.62 3.97
C GLU B 100 -8.39 -10.48 4.35
N PRO B 101 -8.41 -10.07 5.62
CA PRO B 101 -9.30 -8.97 6.02
C PRO B 101 -8.87 -7.65 5.42
N SER B 102 -9.84 -6.76 5.27
CA SER B 102 -9.56 -5.39 4.90
C SER B 102 -8.98 -4.63 6.09
N MET B 103 -8.11 -3.67 5.81
CA MET B 103 -7.50 -2.87 6.86
C MET B 103 -8.37 -1.69 7.28
N GLY B 104 -9.12 -1.10 6.35
CA GLY B 104 -9.97 0.03 6.64
C GLY B 104 -10.80 -0.06 7.90
N PRO B 105 -11.61 -1.13 8.03
CA PRO B 105 -12.50 -1.21 9.19
C PRO B 105 -11.78 -1.29 10.54
N VAL B 106 -10.52 -1.71 10.56
CA VAL B 106 -9.76 -1.78 11.81
C VAL B 106 -9.78 -0.45 12.53
N PHE B 107 -9.83 0.66 11.78
CA PHE B 107 -9.76 1.97 12.39
C PHE B 107 -11.13 2.58 12.67
N GLY B 108 -12.20 1.93 12.23
CA GLY B 108 -13.52 2.38 12.58
C GLY B 108 -14.08 1.62 13.76
N ILE B 109 -14.17 0.29 13.60
CA ILE B 109 -14.87 -0.58 14.53
C ILE B 109 -13.94 -1.59 15.18
N LYS B 110 -12.63 -1.35 15.17
CA LYS B 110 -11.60 -2.21 15.73
C LYS B 110 -11.42 -3.45 14.88
N GLY B 111 -10.24 -4.11 15.00
CA GLY B 111 -9.96 -5.33 14.28
C GLY B 111 -10.32 -6.56 15.09
N GLY B 112 -10.16 -7.71 14.44
CA GLY B 112 -10.59 -8.95 15.04
C GLY B 112 -9.66 -10.08 14.70
N ALA B 113 -9.82 -11.18 15.44
CA ALA B 113 -9.04 -12.37 15.16
C ALA B 113 -9.49 -13.01 13.85
N ALA B 114 -8.53 -13.69 13.20
CA ALA B 114 -8.83 -14.49 12.01
C ALA B 114 -10.01 -15.41 12.26
N GLY B 115 -9.91 -16.25 13.28
CA GLY B 115 -11.07 -16.98 13.74
C GLY B 115 -11.59 -16.43 15.06
N GLY B 116 -11.20 -17.06 16.15
CA GLY B 116 -11.72 -16.74 17.47
C GLY B 116 -11.45 -17.88 18.41
N GLY B 117 -11.45 -17.55 19.71
CA GLY B 117 -11.11 -18.54 20.73
C GLY B 117 -9.76 -19.17 20.46
N TYR B 118 -9.72 -20.51 20.54
CA TYR B 118 -8.51 -21.25 20.26
C TYR B 118 -8.46 -21.80 18.84
N ALA B 119 -9.19 -21.18 17.91
CA ALA B 119 -9.15 -21.50 16.49
C ALA B 119 -8.87 -20.20 15.74
N GLN B 120 -7.59 -19.83 15.67
CA GLN B 120 -7.15 -18.58 15.07
C GLN B 120 -6.04 -18.84 14.07
N VAL B 121 -5.71 -17.80 13.30
CA VAL B 121 -4.55 -17.79 12.43
C VAL B 121 -3.61 -16.68 12.88
N VAL B 122 -2.32 -16.98 12.92
CA VAL B 122 -1.30 -16.15 13.53
C VAL B 122 -0.23 -15.86 12.49
N PRO B 123 0.39 -14.66 12.45
CA PRO B 123 0.26 -13.47 13.32
C PRO B 123 -1.00 -12.65 13.13
N MET B 124 -1.73 -12.46 14.23
CA MET B 124 -3.00 -11.76 14.17
C MET B 124 -2.84 -10.30 13.79
N GLU B 125 -1.83 -9.63 14.35
CA GLU B 125 -1.68 -8.20 14.10
C GLU B 125 -1.40 -7.92 12.63
N ASP B 126 -0.41 -8.62 12.05
CA ASP B 126 -0.04 -8.38 10.66
C ASP B 126 -1.20 -8.67 9.71
N ILE B 127 -1.97 -9.72 10.01
CA ILE B 127 -3.08 -10.09 9.13
C ILE B 127 -4.10 -8.97 9.07
N ASN B 128 -4.32 -8.28 10.19
CA ASN B 128 -5.31 -7.20 10.22
C ASN B 128 -4.82 -5.91 9.59
N LEU B 129 -3.50 -5.73 9.45
CA LEU B 129 -2.97 -4.49 8.92
C LEU B 129 -2.44 -4.65 7.51
N HIS B 130 -1.13 -4.48 7.30
CA HIS B 130 -0.59 -4.52 5.95
C HIS B 130 -0.41 -5.93 5.41
N PHE B 131 -0.31 -6.92 6.30
CA PHE B 131 0.00 -8.29 5.92
C PHE B 131 1.21 -8.31 4.99
N THR B 132 1.06 -8.83 3.78
CA THR B 132 2.15 -8.86 2.82
C THR B 132 1.98 -7.82 1.71
N GLY B 133 1.04 -6.91 1.87
CA GLY B 133 0.85 -5.81 0.94
C GLY B 133 -0.09 -6.06 -0.20
N ASP B 134 -0.88 -7.14 -0.16
CA ASP B 134 -1.74 -7.45 -1.30
C ASP B 134 -2.77 -6.35 -1.51
N MET B 135 -3.41 -5.88 -0.42
CA MET B 135 -4.42 -4.83 -0.56
C MET B 135 -3.85 -3.61 -1.25
N HIS B 136 -2.62 -3.25 -0.92
CA HIS B 136 -1.98 -2.11 -1.57
C HIS B 136 -1.78 -2.38 -3.06
N ALA B 137 -1.39 -3.60 -3.42
CA ALA B 137 -1.23 -3.93 -4.83
C ALA B 137 -2.55 -3.85 -5.57
N ILE B 138 -3.63 -4.37 -4.96
CA ILE B 138 -4.95 -4.28 -5.57
C ILE B 138 -5.32 -2.82 -5.83
N GLY B 139 -5.17 -1.97 -4.81
CA GLY B 139 -5.57 -0.59 -4.95
C GLY B 139 -4.74 0.16 -5.97
N ALA B 140 -3.43 -0.06 -5.97
CA ALA B 140 -2.56 0.57 -6.96
C ALA B 140 -2.98 0.20 -8.38
N ALA B 141 -3.25 -1.08 -8.63
CA ALA B 141 -3.73 -1.48 -9.95
C ALA B 141 -5.08 -0.85 -10.26
N ASN B 142 -5.98 -0.81 -9.28
CA ASN B 142 -7.27 -0.17 -9.50
C ASN B 142 -7.11 1.30 -9.87
N ASN B 143 -6.25 2.02 -9.16
CA ASN B 143 -6.13 3.46 -9.36
C ASN B 143 -5.28 3.80 -10.58
N LEU B 144 -4.36 2.92 -10.97
CA LEU B 144 -3.62 3.15 -12.21
C LEU B 144 -4.56 3.13 -13.41
N LEU B 145 -5.42 2.11 -13.48
CA LEU B 145 -6.42 2.05 -14.53
C LEU B 145 -7.32 3.28 -14.52
N ALA B 146 -7.64 3.80 -13.34
CA ALA B 146 -8.47 5.00 -13.28
C ALA B 146 -7.71 6.21 -13.81
N ALA B 147 -6.43 6.33 -13.49
CA ALA B 147 -5.65 7.47 -13.96
C ALA B 147 -5.43 7.39 -15.47
N MET B 148 -5.23 6.18 -16.00
CA MET B 148 -5.04 6.03 -17.44
C MET B 148 -6.35 6.26 -18.19
N LEU B 149 -7.49 5.87 -17.61
CA LEU B 149 -8.78 6.19 -18.20
C LEU B 149 -8.96 7.70 -18.32
N ASP B 150 -8.83 8.42 -17.20
CA ASP B 150 -8.98 9.87 -17.25
C ASP B 150 -7.93 10.51 -18.14
N ASN B 151 -6.70 9.96 -18.17
CA ASN B 151 -5.66 10.53 -19.01
C ASN B 151 -6.01 10.39 -20.48
N HIS B 152 -6.55 9.24 -20.89
CA HIS B 152 -6.92 9.05 -22.30
C HIS B 152 -7.97 10.06 -22.72
N VAL B 153 -9.01 10.25 -21.90
CA VAL B 153 -10.04 11.22 -22.21
C VAL B 153 -9.47 12.64 -22.25
N TYR B 154 -8.49 12.92 -21.39
CA TYR B 154 -7.90 14.26 -21.35
C TYR B 154 -7.01 14.50 -22.56
N GLN B 155 -6.23 13.51 -22.97
CA GLN B 155 -5.30 13.73 -24.08
C GLN B 155 -6.04 13.85 -25.41
N THR B 156 -6.79 12.83 -25.80
CA THR B 156 -7.41 12.86 -27.12
C THR B 156 -8.85 12.39 -27.05
N ASN B 157 -9.11 11.44 -26.16
CA ASN B 157 -10.36 10.70 -26.13
C ASN B 157 -10.67 10.08 -27.50
N SER B 158 -9.65 9.50 -28.12
CA SER B 158 -9.84 8.85 -29.41
C SER B 158 -10.75 7.63 -29.30
N LEU B 159 -10.95 7.08 -28.11
CA LEU B 159 -11.90 5.99 -27.92
C LEU B 159 -13.35 6.47 -27.83
N ASN B 160 -13.59 7.78 -27.92
CA ASN B 160 -14.93 8.34 -27.86
C ASN B 160 -15.67 7.92 -26.59
N ILE B 161 -14.96 7.93 -25.47
CA ILE B 161 -15.56 7.58 -24.18
C ILE B 161 -16.54 8.67 -23.78
N ASN B 162 -17.75 8.28 -23.42
CA ASN B 162 -18.73 9.20 -22.87
C ASN B 162 -18.47 9.37 -21.38
N PRO B 163 -18.11 10.56 -20.89
CA PRO B 163 -17.75 10.69 -19.46
C PRO B 163 -18.88 10.31 -18.53
N LYS B 164 -20.13 10.48 -18.96
CA LYS B 164 -21.27 10.17 -18.12
C LYS B 164 -21.53 8.67 -18.01
N ARG B 165 -20.92 7.86 -18.88
CA ARG B 165 -21.07 6.42 -18.84
C ARG B 165 -19.82 5.72 -18.32
N ILE B 166 -18.96 6.47 -17.62
CA ILE B 166 -17.77 5.91 -17.00
C ILE B 166 -18.20 5.15 -15.74
N THR B 167 -17.94 3.85 -15.72
CA THR B 167 -18.34 3.02 -14.60
C THR B 167 -17.21 2.77 -13.60
N TRP B 168 -15.95 2.95 -14.01
CA TRP B 168 -14.83 2.66 -13.14
C TRP B 168 -14.74 3.67 -12.01
N ARG B 169 -14.39 3.19 -10.82
CA ARG B 169 -14.29 4.02 -9.63
C ARG B 169 -12.92 3.84 -9.00
N ARG B 170 -12.41 4.91 -8.41
CA ARG B 170 -11.17 4.81 -7.65
C ARG B 170 -11.45 4.10 -6.33
N CYS B 171 -10.38 3.81 -5.59
CA CYS B 171 -10.55 3.10 -4.33
C CYS B 171 -9.46 3.49 -3.35
N VAL B 172 -9.75 3.27 -2.07
CA VAL B 172 -8.81 3.49 -0.98
C VAL B 172 -9.18 2.54 0.15
N ASP B 173 -8.17 2.09 0.89
CA ASP B 173 -8.39 1.12 1.97
C ASP B 173 -8.62 1.85 3.30
N MET B 174 -9.65 2.70 3.30
CA MET B 174 -10.09 3.40 4.50
C MET B 174 -11.60 3.49 4.48
N ASN B 175 -12.19 3.64 5.67
CA ASN B 175 -13.64 3.90 5.80
C ASN B 175 -13.85 5.40 5.69
N ASP B 176 -14.04 5.89 4.47
CA ASP B 176 -14.15 7.33 4.20
C ASP B 176 -15.42 7.63 3.44
N ARG B 177 -16.51 7.93 4.16
CA ARG B 177 -17.76 8.30 3.51
C ARG B 177 -17.59 9.54 2.63
N GLN B 178 -16.62 10.38 2.93
CA GLN B 178 -16.46 11.65 2.22
C GLN B 178 -16.20 11.42 0.74
N LEU B 179 -15.58 10.30 0.38
CA LEU B 179 -15.15 10.02 -0.98
C LEU B 179 -16.17 9.19 -1.77
N ARG B 180 -17.37 9.01 -1.24
CA ARG B 180 -18.37 8.19 -1.94
C ARG B 180 -18.77 8.83 -3.27
N ASN B 181 -19.13 10.11 -3.24
CA ASN B 181 -19.58 10.84 -4.42
C ASN B 181 -18.75 12.10 -4.50
N VAL B 182 -17.94 12.22 -5.56
CA VAL B 182 -17.05 13.35 -5.74
C VAL B 182 -17.20 13.88 -7.16
N VAL B 183 -16.66 15.08 -7.38
CA VAL B 183 -16.46 15.63 -8.71
C VAL B 183 -15.00 16.06 -8.79
N ASP B 184 -14.27 15.50 -9.74
CA ASP B 184 -12.86 15.81 -9.93
C ASP B 184 -12.64 16.35 -11.34
N GLY B 185 -11.39 16.70 -11.62
CA GLY B 185 -11.08 17.35 -12.87
C GLY B 185 -11.33 18.84 -12.90
N LEU B 186 -11.50 19.46 -11.74
CA LEU B 186 -11.71 20.90 -11.67
C LEU B 186 -10.38 21.65 -11.75
N GLY B 187 -10.47 22.92 -12.12
CA GLY B 187 -9.31 23.79 -12.17
C GLY B 187 -9.05 24.29 -13.59
N LYS B 188 -7.77 24.46 -13.90
CA LYS B 188 -7.36 24.96 -15.21
C LYS B 188 -7.66 23.92 -16.29
N LYS B 189 -7.41 24.31 -17.55
CA LYS B 189 -7.56 23.37 -18.66
C LYS B 189 -6.64 22.17 -18.51
N VAL B 190 -5.47 22.36 -17.88
CA VAL B 190 -4.48 21.29 -17.74
C VAL B 190 -4.78 20.35 -16.59
N ASP B 191 -5.87 20.57 -15.83
CA ASP B 191 -6.17 19.78 -14.64
C ASP B 191 -7.20 18.69 -14.89
N GLY B 192 -7.29 18.20 -16.11
CA GLY B 192 -8.20 17.11 -16.41
C GLY B 192 -9.53 17.59 -16.95
N VAL B 193 -10.47 16.65 -17.01
CA VAL B 193 -11.80 16.89 -17.54
C VAL B 193 -12.80 16.68 -16.42
N THR B 194 -13.63 17.68 -16.18
CA THR B 194 -14.53 17.68 -15.03
C THR B 194 -15.64 16.66 -15.24
N ARG B 195 -15.85 15.80 -14.25
CA ARG B 195 -16.87 14.76 -14.29
C ARG B 195 -17.13 14.27 -12.88
N GLU B 196 -18.22 13.50 -12.74
CA GLU B 196 -18.55 12.90 -11.46
C GLU B 196 -17.76 11.62 -11.27
N ASP B 197 -17.36 11.35 -10.03
CA ASP B 197 -16.52 10.20 -9.73
C ASP B 197 -16.86 9.69 -8.34
N GLY B 198 -16.12 8.68 -7.88
CA GLY B 198 -16.37 8.09 -6.58
C GLY B 198 -15.29 7.10 -6.22
N PHE B 199 -15.22 6.82 -4.91
CA PHE B 199 -14.26 5.88 -4.35
C PHE B 199 -14.98 4.75 -3.66
N ASP B 200 -14.54 3.52 -3.92
CA ASP B 200 -14.98 2.36 -3.16
C ASP B 200 -13.89 1.96 -2.18
N ILE B 201 -14.26 1.12 -1.22
CA ILE B 201 -13.22 0.48 -0.42
C ILE B 201 -12.51 -0.53 -1.32
N THR B 202 -11.19 -0.69 -1.11
CA THR B 202 -10.36 -1.44 -2.05
C THR B 202 -10.92 -2.84 -2.30
N VAL B 203 -11.37 -3.53 -1.26
CA VAL B 203 -11.85 -4.90 -1.43
C VAL B 203 -13.10 -4.96 -2.29
N ALA B 204 -13.81 -3.85 -2.47
CA ALA B 204 -14.97 -3.83 -3.35
C ALA B 204 -14.60 -3.60 -4.81
N SER B 205 -13.34 -3.32 -5.09
CA SER B 205 -12.91 -3.10 -6.47
C SER B 205 -13.05 -4.38 -7.28
N GLU B 206 -13.42 -4.22 -8.56
CA GLU B 206 -13.48 -5.37 -9.44
C GLU B 206 -12.12 -6.02 -9.63
N VAL B 207 -11.03 -5.25 -9.46
CA VAL B 207 -9.70 -5.84 -9.50
C VAL B 207 -9.59 -6.97 -8.49
N MET B 208 -10.12 -6.75 -7.28
CA MET B 208 -10.11 -7.79 -6.25
C MET B 208 -10.85 -9.03 -6.72
N ALA B 209 -12.02 -8.85 -7.36
CA ALA B 209 -12.81 -9.99 -7.82
C ALA B 209 -12.06 -10.80 -8.87
N ALA B 210 -11.56 -10.13 -9.91
CA ALA B 210 -10.79 -10.83 -10.93
C ALA B 210 -9.51 -11.44 -10.36
N PHE B 211 -8.88 -10.75 -9.40
CA PHE B 211 -7.68 -11.26 -8.73
C PHE B 211 -7.93 -12.63 -8.13
N CYS B 212 -9.12 -12.85 -7.57
CA CYS B 212 -9.47 -14.10 -6.92
C CYS B 212 -10.00 -15.16 -7.88
N LEU B 213 -10.29 -14.79 -9.13
CA LEU B 213 -10.82 -15.73 -10.09
C LEU B 213 -9.84 -16.03 -11.22
N SER B 214 -8.56 -15.72 -11.01
CA SER B 214 -7.51 -16.00 -11.99
C SER B 214 -6.74 -17.24 -11.59
N ASN B 215 -6.54 -18.15 -12.55
CA ASN B 215 -5.82 -19.38 -12.27
C ASN B 215 -4.31 -19.17 -12.27
N ASN B 216 -3.82 -18.17 -13.01
CA ASN B 216 -2.39 -17.91 -13.11
C ASN B 216 -2.21 -16.46 -13.54
N ILE B 217 -0.95 -16.06 -13.64
CA ILE B 217 -0.64 -14.67 -13.95
C ILE B 217 -1.04 -14.31 -15.37
N SER B 218 -1.06 -15.30 -16.27
CA SER B 218 -1.53 -15.03 -17.64
C SER B 218 -3.04 -14.86 -17.66
N GLU B 219 -3.78 -15.64 -16.87
CA GLU B 219 -5.21 -15.45 -16.78
C GLU B 219 -5.56 -14.15 -16.06
N LEU B 220 -4.72 -13.74 -15.12
CA LEU B 220 -4.94 -12.45 -14.47
C LEU B 220 -4.83 -11.32 -15.47
N LYS B 221 -3.78 -11.35 -16.29
CA LYS B 221 -3.61 -10.31 -17.30
C LYS B 221 -4.78 -10.31 -18.28
N GLU B 222 -5.30 -11.49 -18.62
CA GLU B 222 -6.42 -11.56 -19.55
C GLU B 222 -7.71 -11.06 -18.90
N ASN B 223 -7.97 -11.45 -17.65
CA ASN B 223 -9.16 -10.99 -16.94
C ASN B 223 -9.14 -9.48 -16.76
N LEU B 224 -7.99 -8.92 -16.38
CA LEU B 224 -7.91 -7.49 -16.15
C LEU B 224 -8.16 -6.71 -17.44
N GLY B 225 -7.77 -7.27 -18.58
CA GLY B 225 -8.03 -6.59 -19.84
C GLY B 225 -9.48 -6.58 -20.24
N ASN B 226 -10.25 -7.56 -19.75
CA ASN B 226 -11.67 -7.63 -20.04
C ASN B 226 -12.50 -6.66 -19.21
N ILE B 227 -11.91 -6.01 -18.22
CA ILE B 227 -12.65 -5.09 -17.37
C ILE B 227 -13.27 -3.99 -18.23
N VAL B 228 -14.55 -3.71 -18.00
CA VAL B 228 -15.24 -2.62 -18.67
C VAL B 228 -15.18 -1.38 -17.78
N VAL B 229 -14.57 -0.32 -18.30
CA VAL B 229 -14.39 0.89 -17.50
C VAL B 229 -15.36 2.01 -17.91
N ALA B 230 -15.96 1.93 -19.09
CA ALA B 230 -16.88 2.97 -19.57
C ALA B 230 -17.60 2.44 -20.80
N TYR B 231 -18.41 3.29 -21.42
CA TYR B 231 -19.06 3.03 -22.68
C TYR B 231 -18.80 4.23 -23.60
N ASN B 232 -18.70 3.96 -24.90
CA ASN B 232 -18.45 5.05 -25.82
C ASN B 232 -19.78 5.70 -26.21
N TYR B 233 -19.70 6.75 -27.03
CA TYR B 233 -20.91 7.44 -27.44
C TYR B 233 -21.79 6.57 -28.34
N SER B 234 -21.25 5.50 -28.90
CA SER B 234 -22.04 4.54 -29.67
C SER B 234 -22.69 3.47 -28.80
N GLY B 235 -22.43 3.48 -27.49
CA GLY B 235 -23.02 2.50 -26.59
C GLY B 235 -22.22 1.23 -26.39
N LYS B 236 -21.02 1.11 -27.03
CA LYS B 236 -20.18 -0.07 -26.92
C LYS B 236 -19.22 0.05 -25.74
N PRO B 237 -18.84 -1.08 -25.12
CA PRO B 237 -17.97 -1.02 -23.94
C PRO B 237 -16.53 -0.66 -24.30
N VAL B 238 -15.90 0.08 -23.41
CA VAL B 238 -14.48 0.40 -23.50
C VAL B 238 -13.77 -0.30 -22.35
N THR B 239 -12.76 -1.09 -22.68
CA THR B 239 -12.12 -1.98 -21.71
C THR B 239 -10.74 -1.48 -21.33
N ALA B 240 -10.21 -2.07 -20.26
CA ALA B 240 -8.84 -1.77 -19.85
C ALA B 240 -7.85 -2.18 -20.93
N ARG B 241 -8.12 -3.28 -21.64
CA ARG B 241 -7.28 -3.67 -22.76
C ARG B 241 -7.21 -2.55 -23.81
N ASP B 242 -8.34 -1.89 -24.07
CA ASP B 242 -8.34 -0.80 -25.03
C ASP B 242 -7.44 0.34 -24.60
N LEU B 243 -7.19 0.49 -23.30
CA LEU B 243 -6.28 1.51 -22.78
C LEU B 243 -4.85 1.02 -22.61
N ASN B 244 -4.57 -0.24 -22.98
CA ASN B 244 -3.25 -0.85 -22.79
C ASN B 244 -2.84 -0.80 -21.32
N ALA B 245 -3.80 -1.07 -20.43
CA ALA B 245 -3.56 -0.96 -19.00
C ALA B 245 -3.35 -2.30 -18.32
N HIS B 246 -3.91 -3.39 -18.86
CA HIS B 246 -3.93 -4.64 -18.12
C HIS B 246 -2.53 -5.22 -17.94
N GLY B 247 -1.62 -4.97 -18.88
CA GLY B 247 -0.25 -5.42 -18.69
C GLY B 247 0.41 -4.78 -17.49
N ALA B 248 0.22 -3.47 -17.32
CA ALA B 248 0.79 -2.78 -16.17
C ALA B 248 0.12 -3.21 -14.87
N MET B 249 -1.20 -3.40 -14.90
CA MET B 249 -1.91 -3.84 -13.70
C MET B 249 -1.45 -5.22 -13.26
N ALA B 250 -1.15 -6.11 -14.22
CA ALA B 250 -0.61 -7.41 -13.87
C ALA B 250 0.81 -7.30 -13.33
N ALA B 251 1.55 -6.26 -13.74
CA ALA B 251 2.89 -6.05 -13.18
C ALA B 251 2.84 -5.58 -11.73
N ILE B 252 1.80 -4.83 -11.37
CA ILE B 252 1.67 -4.38 -9.98
C ILE B 252 1.30 -5.56 -9.09
N LEU B 253 0.54 -6.51 -9.62
CA LEU B 253 0.00 -7.65 -8.89
C LEU B 253 0.86 -8.90 -9.02
N LYS B 254 2.06 -8.78 -9.59
CA LYS B 254 2.87 -9.95 -9.88
C LYS B 254 3.25 -10.70 -8.60
N ASP B 255 3.62 -9.97 -7.56
CA ASP B 255 3.99 -10.62 -6.31
C ASP B 255 2.76 -10.94 -5.48
N ALA B 256 1.77 -10.04 -5.47
CA ALA B 256 0.58 -10.23 -4.65
C ALA B 256 -0.16 -11.50 -5.02
N LEU B 257 -0.11 -11.91 -6.29
CA LEU B 257 -0.83 -13.11 -6.73
C LEU B 257 -0.23 -14.39 -6.16
N LYS B 258 0.95 -14.33 -5.57
CA LYS B 258 1.46 -15.48 -4.82
C LYS B 258 0.69 -15.63 -3.51
N PRO B 259 0.16 -16.80 -3.20
CA PRO B 259 -0.61 -16.97 -1.96
C PRO B 259 0.26 -16.86 -0.73
N ASN B 260 -0.32 -16.33 0.35
CA ASN B 260 0.40 -16.05 1.58
C ASN B 260 0.28 -17.21 2.55
N LEU B 261 1.40 -17.74 3.00
CA LEU B 261 1.43 -18.87 3.91
C LEU B 261 1.56 -18.39 5.36
N VAL B 262 0.63 -18.81 6.20
CA VAL B 262 0.70 -18.59 7.64
C VAL B 262 0.37 -19.91 8.33
N GLN B 263 -0.07 -19.83 9.58
CA GLN B 263 -0.31 -21.03 10.39
C GLN B 263 -1.42 -20.74 11.39
N THR B 264 -1.94 -21.81 11.99
CA THR B 264 -2.90 -21.70 13.08
C THR B 264 -2.17 -21.72 14.42
N LEU B 265 -2.94 -21.58 15.50
CA LEU B 265 -2.37 -21.69 16.85
C LEU B 265 -1.78 -23.08 17.09
N GLU B 266 -2.28 -24.10 16.39
CA GLU B 266 -1.81 -25.47 16.55
C GLU B 266 -0.82 -25.86 15.46
N GLY B 267 -0.28 -24.89 14.72
CA GLY B 267 0.72 -25.17 13.72
C GLY B 267 0.22 -25.69 12.40
N THR B 268 -1.10 -25.71 12.18
CA THR B 268 -1.64 -26.19 10.91
C THR B 268 -1.37 -25.17 9.81
N PRO B 269 -0.90 -25.59 8.64
CA PRO B 269 -0.62 -24.63 7.57
C PRO B 269 -1.89 -23.91 7.11
N ALA B 270 -1.78 -22.58 6.98
CA ALA B 270 -2.88 -21.73 6.57
C ALA B 270 -2.45 -20.85 5.40
N ILE B 271 -3.37 -20.62 4.47
CA ILE B 271 -3.14 -19.74 3.33
C ILE B 271 -4.24 -18.69 3.30
N LEU B 272 -3.86 -17.43 3.41
CA LEU B 272 -4.77 -16.30 3.31
C LEU B 272 -4.48 -15.57 2.01
N HIS B 273 -5.50 -15.37 1.20
CA HIS B 273 -5.26 -14.77 -0.12
C HIS B 273 -6.58 -14.27 -0.67
N GLY B 274 -6.63 -12.97 -0.98
CA GLY B 274 -7.82 -12.36 -1.55
C GLY B 274 -8.91 -12.17 -0.52
N GLY B 275 -9.93 -11.43 -0.93
CA GLY B 275 -11.07 -11.19 -0.08
C GLY B 275 -12.04 -10.19 -0.68
N PRO B 276 -12.84 -10.63 -1.64
CA PRO B 276 -13.86 -9.76 -2.24
C PRO B 276 -15.15 -9.77 -1.43
N PHE B 277 -16.06 -8.90 -1.82
CA PHE B 277 -17.38 -8.84 -1.21
C PHE B 277 -18.16 -10.12 -1.51
N ALA B 278 -19.21 -10.35 -0.71
CA ALA B 278 -20.05 -11.51 -0.90
C ALA B 278 -21.43 -11.16 -1.47
N ASN B 279 -21.67 -9.89 -1.79
CA ASN B 279 -22.90 -9.47 -2.47
C ASN B 279 -22.64 -9.07 -3.91
N ILE B 280 -21.75 -8.08 -4.15
CA ILE B 280 -21.36 -7.73 -5.51
C ILE B 280 -20.21 -8.57 -6.04
N ALA B 281 -19.66 -9.47 -5.24
CA ALA B 281 -18.69 -10.45 -5.72
C ALA B 281 -19.04 -11.80 -5.09
N HIS B 282 -18.18 -12.79 -5.32
CA HIS B 282 -18.49 -14.16 -4.89
C HIS B 282 -18.09 -14.45 -3.45
N GLY B 283 -17.29 -13.59 -2.81
CA GLY B 283 -16.99 -13.76 -1.40
C GLY B 283 -16.18 -14.99 -1.03
N CYS B 284 -15.19 -15.34 -1.85
CA CYS B 284 -14.33 -16.49 -1.59
C CYS B 284 -12.87 -16.05 -1.63
N ASN B 285 -12.00 -16.85 -1.02
CA ASN B 285 -10.59 -16.60 -1.20
C ASN B 285 -10.19 -17.02 -2.62
N SER B 286 -8.95 -16.66 -2.99
CA SER B 286 -8.54 -16.76 -4.38
C SER B 286 -8.56 -18.21 -4.86
N ILE B 287 -8.82 -18.36 -6.16
CA ILE B 287 -8.72 -19.67 -6.80
C ILE B 287 -7.28 -20.18 -6.72
N ILE B 288 -6.31 -19.29 -6.92
CA ILE B 288 -4.91 -19.72 -6.94
C ILE B 288 -4.50 -20.31 -5.61
N ALA B 289 -5.08 -19.82 -4.51
CA ALA B 289 -4.75 -20.38 -3.19
C ALA B 289 -5.48 -21.70 -2.96
N THR B 290 -6.76 -21.79 -3.35
CA THR B 290 -7.49 -23.05 -3.20
C THR B 290 -6.89 -24.14 -4.07
N LYS B 291 -6.51 -23.79 -5.31
CA LYS B 291 -5.81 -24.74 -6.18
C LYS B 291 -4.45 -25.12 -5.60
N MET B 292 -3.73 -24.14 -5.06
CA MET B 292 -2.44 -24.40 -4.43
C MET B 292 -2.59 -25.44 -3.31
N GLY B 293 -3.62 -25.29 -2.48
CA GLY B 293 -3.77 -26.17 -1.34
C GLY B 293 -4.07 -27.61 -1.76
N MET B 294 -4.98 -27.78 -2.72
CA MET B 294 -5.31 -29.12 -3.17
C MET B 294 -4.14 -29.78 -3.90
N HIS B 295 -3.18 -28.99 -4.34
CA HIS B 295 -1.98 -29.51 -4.99
C HIS B 295 -0.90 -29.91 -3.99
N MET B 296 -0.93 -29.34 -2.78
CA MET B 296 0.10 -29.59 -1.78
C MET B 296 -0.39 -30.40 -0.58
N ALA B 297 -1.69 -30.64 -0.46
CA ALA B 297 -2.24 -31.32 0.72
C ALA B 297 -3.31 -32.30 0.29
N ASP B 298 -3.69 -33.15 1.24
CA ASP B 298 -4.77 -34.10 1.01
C ASP B 298 -6.14 -33.54 1.35
N TYR B 299 -6.21 -32.53 2.19
CA TYR B 299 -7.48 -31.92 2.55
C TYR B 299 -7.32 -30.40 2.58
N VAL B 300 -8.34 -29.70 2.08
CA VAL B 300 -8.36 -28.24 2.06
C VAL B 300 -9.70 -27.78 2.62
N VAL B 301 -9.65 -27.03 3.72
CA VAL B 301 -10.84 -26.47 4.35
C VAL B 301 -10.90 -25.00 3.98
N THR B 302 -11.89 -24.62 3.18
CA THR B 302 -12.08 -23.23 2.78
C THR B 302 -13.47 -22.77 3.22
N GLU B 303 -13.82 -21.52 2.89
CA GLU B 303 -15.08 -20.96 3.33
C GLU B 303 -15.50 -19.82 2.39
N ALA B 304 -16.78 -19.46 2.49
CA ALA B 304 -17.35 -18.35 1.73
C ALA B 304 -18.19 -17.48 2.65
N GLY B 305 -18.21 -16.17 2.36
CA GLY B 305 -18.85 -15.23 3.26
C GLY B 305 -20.36 -15.15 3.11
N PHE B 306 -21.01 -14.61 4.15
CA PHE B 306 -22.42 -14.22 4.21
C PHE B 306 -23.40 -15.39 4.28
N GLY B 307 -22.95 -16.62 4.45
CA GLY B 307 -23.90 -17.72 4.57
C GLY B 307 -24.22 -18.40 3.24
N ALA B 308 -25.00 -19.49 3.35
CA ALA B 308 -25.12 -20.44 2.26
C ALA B 308 -25.91 -19.87 1.08
N ASP B 309 -26.93 -19.05 1.36
CA ASP B 309 -27.74 -18.49 0.28
C ASP B 309 -26.97 -17.50 -0.60
N LEU B 310 -25.79 -17.05 -0.16
CA LEU B 310 -24.98 -16.13 -0.96
C LEU B 310 -23.59 -16.70 -1.21
N GLY B 311 -22.76 -16.86 -0.18
CA GLY B 311 -21.40 -17.31 -0.40
C GLY B 311 -21.32 -18.69 -1.01
N ALA B 312 -21.99 -19.67 -0.40
CA ALA B 312 -21.96 -21.03 -0.93
C ALA B 312 -22.53 -21.08 -2.35
N GLU B 313 -23.61 -20.33 -2.60
CA GLU B 313 -24.19 -20.31 -3.94
C GLU B 313 -23.20 -19.81 -4.97
N LYS B 314 -22.39 -18.80 -4.61
CA LYS B 314 -21.43 -18.24 -5.54
C LYS B 314 -20.12 -19.02 -5.56
N PHE B 315 -19.78 -19.67 -4.45
CA PHE B 315 -18.66 -20.61 -4.47
C PHE B 315 -18.92 -21.73 -5.49
N LEU B 316 -20.16 -22.23 -5.53
CA LEU B 316 -20.50 -23.37 -6.37
C LEU B 316 -20.85 -22.97 -7.80
N ASP B 317 -21.53 -21.84 -7.99
CA ASP B 317 -21.95 -21.43 -9.33
C ASP B 317 -20.96 -20.49 -10.02
N ILE B 318 -20.04 -19.89 -9.31
CA ILE B 318 -19.07 -18.99 -9.93
C ILE B 318 -17.67 -19.56 -9.80
N LYS B 319 -17.19 -19.72 -8.56
CA LYS B 319 -15.81 -20.15 -8.35
C LYS B 319 -15.58 -21.57 -8.87
N CYS B 320 -16.44 -22.51 -8.49
CA CYS B 320 -16.21 -23.90 -8.89
C CYS B 320 -16.32 -24.08 -10.39
N ARG B 321 -17.11 -23.24 -11.06
CA ARG B 321 -17.18 -23.27 -12.51
C ARG B 321 -15.89 -22.79 -13.13
N LYS B 322 -15.39 -21.63 -12.70
CA LYS B 322 -14.18 -21.05 -13.26
C LYS B 322 -12.91 -21.78 -12.84
N ALA B 323 -12.93 -22.48 -11.72
CA ALA B 323 -11.76 -23.22 -11.27
C ALA B 323 -11.79 -24.69 -11.67
N GLY B 324 -12.95 -25.22 -12.03
CA GLY B 324 -13.07 -26.63 -12.35
C GLY B 324 -12.80 -27.53 -11.17
N ILE B 325 -13.44 -27.25 -10.04
CA ILE B 325 -13.26 -28.03 -8.82
C ILE B 325 -14.62 -28.35 -8.23
N ARG B 326 -14.63 -29.33 -7.32
CA ARG B 326 -15.86 -29.85 -6.74
C ARG B 326 -15.65 -30.05 -5.24
N PRO B 327 -16.56 -29.57 -4.40
CA PRO B 327 -16.45 -29.85 -2.97
C PRO B 327 -16.82 -31.30 -2.68
N ASP B 328 -16.01 -31.93 -1.84
CA ASP B 328 -16.30 -33.29 -1.41
C ASP B 328 -17.25 -33.33 -0.22
N ALA B 329 -17.35 -32.23 0.52
CA ALA B 329 -18.25 -32.14 1.66
C ALA B 329 -18.46 -30.67 1.97
N VAL B 330 -19.59 -30.37 2.60
CA VAL B 330 -19.96 -29.02 2.98
C VAL B 330 -20.29 -29.01 4.47
N ILE B 331 -19.77 -28.02 5.18
CA ILE B 331 -20.03 -27.84 6.60
C ILE B 331 -20.91 -26.62 6.75
N ILE B 332 -22.14 -26.83 7.24
CA ILE B 332 -23.09 -25.76 7.48
C ILE B 332 -23.08 -25.44 8.97
N VAL B 333 -22.57 -24.25 9.33
CA VAL B 333 -22.39 -23.85 10.71
C VAL B 333 -23.65 -23.14 11.21
N ALA B 334 -24.02 -23.42 12.46
CA ALA B 334 -25.15 -22.75 13.08
C ALA B 334 -24.98 -22.82 14.60
N THR B 335 -25.71 -21.95 15.29
CA THR B 335 -25.79 -21.99 16.74
C THR B 335 -27.25 -21.94 17.17
N VAL B 336 -27.51 -22.47 18.37
CA VAL B 336 -28.87 -22.47 18.89
C VAL B 336 -29.38 -21.04 19.07
N ARG B 337 -28.50 -20.14 19.53
CA ARG B 337 -28.89 -18.75 19.72
C ARG B 337 -29.32 -18.10 18.40
N ALA B 338 -28.58 -18.37 17.33
CA ALA B 338 -28.93 -17.76 16.05
C ALA B 338 -30.28 -18.26 15.55
N LEU B 339 -30.56 -19.55 15.75
CA LEU B 339 -31.84 -20.09 15.30
C LEU B 339 -33.00 -19.53 16.12
N LYS B 340 -32.84 -19.41 17.44
CA LYS B 340 -33.87 -18.77 18.23
C LYS B 340 -34.07 -17.32 17.83
N TYR B 341 -33.02 -16.67 17.32
CA TYR B 341 -33.17 -15.31 16.80
C TYR B 341 -34.07 -15.29 15.57
N ASN B 342 -33.89 -16.28 14.68
CA ASN B 342 -34.76 -16.38 13.51
C ASN B 342 -36.21 -16.59 13.90
N GLY B 343 -36.44 -17.25 15.05
CA GLY B 343 -37.77 -17.51 15.57
C GLY B 343 -38.47 -16.34 16.23
N GLY B 344 -37.87 -15.15 16.19
CA GLY B 344 -38.52 -13.96 16.72
C GLY B 344 -37.96 -13.44 18.03
N VAL B 345 -37.00 -14.12 18.64
CA VAL B 345 -36.44 -13.64 19.89
C VAL B 345 -35.54 -12.44 19.62
N ALA B 346 -35.66 -11.42 20.46
CA ALA B 346 -34.78 -10.26 20.37
C ALA B 346 -33.35 -10.64 20.77
N LYS B 347 -32.41 -9.76 20.42
CA LYS B 347 -31.00 -10.05 20.66
C LYS B 347 -30.67 -10.13 22.15
N ASP B 348 -31.46 -9.45 22.98
CA ASP B 348 -31.18 -9.42 24.41
C ASP B 348 -31.51 -10.75 25.09
N GLN B 349 -32.50 -11.47 24.56
CA GLN B 349 -33.06 -12.63 25.23
C GLN B 349 -32.56 -13.94 24.64
N LEU B 350 -31.46 -13.92 23.90
CA LEU B 350 -31.03 -15.12 23.20
C LEU B 350 -30.44 -16.18 24.12
N ASN B 351 -30.25 -15.86 25.41
CA ASN B 351 -29.66 -16.81 26.33
C ASN B 351 -30.68 -17.66 27.07
N ASN B 352 -31.95 -17.31 27.05
CA ASN B 352 -32.96 -18.13 27.69
C ASN B 352 -33.39 -19.25 26.76
N GLU B 353 -33.72 -20.39 27.36
CA GLU B 353 -34.26 -21.50 26.56
C GLU B 353 -35.57 -21.08 25.93
N ASN B 354 -35.76 -21.45 24.66
CA ASN B 354 -37.01 -21.13 23.97
C ASN B 354 -37.19 -22.16 22.86
N LEU B 355 -37.74 -23.32 23.25
CA LEU B 355 -37.97 -24.39 22.28
C LEU B 355 -38.92 -23.95 21.18
N GLU B 356 -39.93 -23.14 21.52
CA GLU B 356 -40.89 -22.71 20.51
C GLU B 356 -40.24 -21.80 19.48
N ALA B 357 -39.38 -20.88 19.92
CA ALA B 357 -38.68 -20.01 18.99
C ALA B 357 -37.60 -20.74 18.22
N LEU B 358 -36.92 -21.69 18.86
CA LEU B 358 -35.95 -22.51 18.14
C LEU B 358 -36.61 -23.27 17.00
N GLU B 359 -37.85 -23.73 17.22
CA GLU B 359 -38.55 -24.45 16.16
C GLU B 359 -39.00 -23.52 15.05
N LYS B 360 -39.35 -22.27 15.38
CA LYS B 360 -39.73 -21.32 14.34
C LYS B 360 -38.54 -20.93 13.46
N GLY B 361 -37.33 -20.95 14.02
CA GLY B 361 -36.17 -20.50 13.29
C GLY B 361 -35.41 -21.62 12.61
N LEU B 362 -35.68 -22.86 13.03
CA LEU B 362 -35.04 -24.00 12.38
C LEU B 362 -35.27 -24.08 10.87
N PRO B 363 -36.42 -23.69 10.31
CA PRO B 363 -36.56 -23.76 8.84
C PRO B 363 -35.49 -22.98 8.08
N ASN B 364 -34.81 -22.02 8.71
CA ASN B 364 -33.69 -21.37 8.05
C ASN B 364 -32.53 -22.35 7.85
N LEU B 365 -32.19 -23.12 8.89
CA LEU B 365 -31.17 -24.13 8.74
C LEU B 365 -31.61 -25.22 7.78
N LEU B 366 -32.90 -25.57 7.82
CA LEU B 366 -33.41 -26.64 6.97
C LEU B 366 -33.35 -26.25 5.50
N LYS B 367 -33.64 -24.99 5.18
CA LYS B 367 -33.59 -24.55 3.79
C LYS B 367 -32.17 -24.63 3.23
N HIS B 368 -31.18 -24.21 4.02
CA HIS B 368 -29.80 -24.28 3.54
C HIS B 368 -29.32 -25.70 3.38
N ILE B 369 -29.84 -26.63 4.20
CA ILE B 369 -29.52 -28.04 4.03
C ILE B 369 -30.08 -28.56 2.72
N GLU B 370 -31.35 -28.22 2.44
CA GLU B 370 -31.97 -28.65 1.20
C GLU B 370 -31.22 -28.13 -0.01
N ASN B 371 -30.76 -26.88 0.04
CA ASN B 371 -30.05 -26.32 -1.10
C ASN B 371 -28.73 -27.05 -1.35
N ILE B 372 -27.99 -27.39 -0.30
CA ILE B 372 -26.68 -28.01 -0.49
C ILE B 372 -26.83 -29.46 -0.92
N THR B 373 -27.75 -30.20 -0.29
CA THR B 373 -27.85 -31.64 -0.48
C THR B 373 -28.83 -32.05 -1.57
N GLN B 374 -29.76 -31.17 -1.96
CA GLN B 374 -30.78 -31.52 -2.93
C GLN B 374 -30.72 -30.71 -4.21
N VAL B 375 -30.15 -29.51 -4.21
CA VAL B 375 -29.97 -28.72 -5.43
C VAL B 375 -28.59 -28.95 -6.04
N TYR B 376 -27.53 -28.85 -5.23
CA TYR B 376 -26.18 -29.10 -5.71
C TYR B 376 -25.75 -30.55 -5.54
N LYS B 377 -26.51 -31.34 -4.76
CA LYS B 377 -26.23 -32.76 -4.54
C LYS B 377 -24.81 -32.96 -4.00
N ILE B 378 -24.54 -32.31 -2.86
CA ILE B 378 -23.25 -32.39 -2.20
C ILE B 378 -23.46 -32.89 -0.79
N PRO B 379 -22.68 -33.86 -0.31
CA PRO B 379 -22.80 -34.30 1.08
C PRO B 379 -22.49 -33.17 2.05
N ALA B 380 -23.33 -33.05 3.07
CA ALA B 380 -23.22 -31.95 4.03
C ALA B 380 -23.32 -32.46 5.45
N VAL B 381 -22.78 -31.67 6.38
CA VAL B 381 -22.87 -31.94 7.81
C VAL B 381 -23.13 -30.61 8.51
N VAL B 382 -24.05 -30.61 9.47
CA VAL B 382 -24.33 -29.43 10.27
C VAL B 382 -23.37 -29.40 11.46
N ALA B 383 -22.71 -28.27 11.64
CA ALA B 383 -21.80 -28.06 12.76
C ALA B 383 -22.45 -27.04 13.68
N ILE B 384 -22.87 -27.49 14.86
CA ILE B 384 -23.47 -26.62 15.85
C ILE B 384 -22.38 -26.18 16.80
N ASN B 385 -22.08 -24.88 16.82
CA ASN B 385 -21.13 -24.34 17.78
C ASN B 385 -21.80 -24.28 19.14
N ARG B 386 -21.50 -25.25 19.99
CA ARG B 386 -22.24 -25.42 21.23
C ARG B 386 -21.85 -24.37 22.26
N PHE B 387 -22.84 -23.89 22.99
CA PHE B 387 -22.74 -22.98 24.12
C PHE B 387 -23.20 -23.68 25.40
N PRO B 388 -22.68 -23.28 26.56
CA PRO B 388 -23.03 -23.99 27.80
C PRO B 388 -24.50 -23.90 28.17
N LEU B 389 -25.22 -22.90 27.69
CA LEU B 389 -26.64 -22.77 27.97
C LEU B 389 -27.52 -23.56 26.99
N ASP B 390 -26.92 -24.21 26.00
CA ASP B 390 -27.69 -25.04 25.07
C ASP B 390 -28.22 -26.26 25.81
N THR B 391 -29.54 -26.27 26.07
CA THR B 391 -30.16 -27.39 26.77
C THR B 391 -30.17 -28.63 25.89
N ASP B 392 -30.30 -29.79 26.55
CA ASP B 392 -30.30 -31.05 25.82
C ASP B 392 -31.50 -31.18 24.91
N ALA B 393 -32.63 -30.56 25.27
CA ALA B 393 -33.81 -30.59 24.40
C ALA B 393 -33.60 -29.74 23.16
N GLU B 394 -32.95 -28.59 23.31
CA GLU B 394 -32.65 -27.74 22.16
C GLU B 394 -31.76 -28.47 21.15
N LEU B 395 -30.72 -29.15 21.63
CA LEU B 395 -29.85 -29.89 20.71
C LEU B 395 -30.60 -31.06 20.08
N ALA B 396 -31.47 -31.72 20.86
CA ALA B 396 -32.21 -32.86 20.33
C ALA B 396 -33.20 -32.42 19.26
N LEU B 397 -33.85 -31.27 19.45
CA LEU B 397 -34.78 -30.77 18.46
C LEU B 397 -34.08 -30.46 17.15
N VAL B 398 -32.92 -29.80 17.22
CA VAL B 398 -32.15 -29.49 16.01
C VAL B 398 -31.73 -30.78 15.32
N ARG B 399 -31.28 -31.77 16.09
CA ARG B 399 -30.83 -33.02 15.48
C ARG B 399 -31.99 -33.77 14.84
N SER B 400 -33.20 -33.69 15.42
CA SER B 400 -34.34 -34.39 14.87
C SER B 400 -34.67 -33.90 13.47
N LYS B 401 -34.81 -32.57 13.31
CA LYS B 401 -35.23 -32.03 12.03
C LYS B 401 -34.14 -32.15 10.97
N CYS B 402 -32.87 -32.17 11.38
CA CYS B 402 -31.79 -32.34 10.41
C CYS B 402 -31.63 -33.79 9.97
N GLU B 403 -31.93 -34.75 10.84
CA GLU B 403 -31.86 -36.15 10.45
C GLU B 403 -32.91 -36.48 9.41
N GLU B 404 -34.05 -35.78 9.43
CA GLU B 404 -35.11 -36.04 8.47
C GLU B 404 -34.68 -35.68 7.05
N LEU B 405 -33.64 -34.87 6.88
CA LEU B 405 -33.08 -34.55 5.58
C LEU B 405 -31.82 -35.35 5.27
N GLY B 406 -31.45 -36.28 6.15
CA GLY B 406 -30.32 -37.16 5.90
C GLY B 406 -28.98 -36.63 6.33
N VAL B 407 -28.95 -35.56 7.12
CA VAL B 407 -27.71 -34.89 7.50
C VAL B 407 -27.49 -35.06 9.00
N LYS B 408 -26.27 -35.44 9.37
CA LYS B 408 -25.94 -35.57 10.78
C LYS B 408 -25.53 -34.23 11.36
N VAL B 409 -25.67 -34.12 12.68
CA VAL B 409 -25.32 -32.91 13.42
C VAL B 409 -24.17 -33.26 14.33
N ALA B 410 -23.06 -32.53 14.19
CA ALA B 410 -21.88 -32.71 15.04
C ALA B 410 -21.67 -31.45 15.87
N LEU B 411 -21.44 -31.65 17.17
CA LEU B 411 -21.23 -30.54 18.09
C LEU B 411 -19.78 -30.09 18.04
N SER B 412 -19.57 -28.80 17.77
CA SER B 412 -18.26 -28.21 17.65
C SER B 412 -17.96 -27.36 18.88
N GLU B 413 -16.80 -27.60 19.50
CA GLU B 413 -16.33 -26.79 20.61
C GLU B 413 -14.90 -26.33 20.35
N VAL B 414 -14.62 -25.92 19.11
CA VAL B 414 -13.27 -25.49 18.76
C VAL B 414 -12.95 -24.14 19.38
N TRP B 415 -13.96 -23.32 19.63
CA TRP B 415 -13.71 -21.99 20.19
C TRP B 415 -13.10 -22.08 21.57
N ALA B 416 -13.46 -23.10 22.35
CA ALA B 416 -12.91 -23.26 23.69
C ALA B 416 -11.87 -24.35 23.82
N ASN B 417 -11.89 -25.35 22.93
CA ASN B 417 -11.02 -26.51 23.06
C ASN B 417 -10.09 -26.70 21.87
N GLY B 418 -10.04 -25.74 20.95
CA GLY B 418 -9.12 -25.87 19.84
C GLY B 418 -9.49 -27.02 18.92
N GLY B 419 -8.46 -27.63 18.34
CA GLY B 419 -8.68 -28.73 17.41
C GLY B 419 -9.34 -29.93 18.05
N GLU B 420 -9.15 -30.09 19.37
CA GLU B 420 -9.80 -31.19 20.08
C GLU B 420 -11.32 -31.08 19.98
N GLY B 421 -11.85 -29.85 20.01
CA GLY B 421 -13.27 -29.61 19.89
C GLY B 421 -13.85 -29.78 18.52
N GLY B 422 -13.04 -30.17 17.53
CA GLY B 422 -13.54 -30.31 16.18
C GLY B 422 -13.44 -31.73 15.64
N ILE B 423 -13.05 -32.66 16.51
CA ILE B 423 -12.89 -34.05 16.08
C ILE B 423 -14.23 -34.63 15.62
N GLU B 424 -15.32 -34.26 16.31
CA GLU B 424 -16.63 -34.80 15.94
C GLU B 424 -17.05 -34.32 14.57
N VAL B 425 -16.85 -33.05 14.27
CA VAL B 425 -17.16 -32.53 12.93
C VAL B 425 -16.20 -33.13 11.90
N ALA B 426 -14.92 -33.26 12.26
CA ALA B 426 -13.95 -33.76 11.31
C ALA B 426 -14.23 -35.22 10.94
N ASN B 427 -14.65 -36.02 11.91
CA ASN B 427 -14.91 -37.43 11.65
C ASN B 427 -16.08 -37.60 10.69
N GLU B 428 -17.14 -36.82 10.87
CA GLU B 428 -18.27 -36.90 9.95
C GLU B 428 -17.88 -36.45 8.56
N VAL B 429 -17.00 -35.45 8.45
CA VAL B 429 -16.58 -34.99 7.13
C VAL B 429 -15.81 -36.07 6.39
N LEU B 430 -14.89 -36.76 7.09
CA LEU B 430 -14.18 -37.86 6.47
C LEU B 430 -15.13 -38.97 6.04
N LYS B 431 -16.18 -39.20 6.83
CA LYS B 431 -17.16 -40.21 6.48
C LYS B 431 -17.94 -39.82 5.23
N LEU B 432 -18.28 -38.54 5.10
CA LEU B 432 -18.97 -38.07 3.89
C LEU B 432 -18.07 -38.14 2.66
N ILE B 433 -16.76 -37.96 2.84
CA ILE B 433 -15.86 -37.98 1.70
C ILE B 433 -15.70 -39.41 1.17
N GLU B 434 -15.60 -40.38 2.08
CA GLU B 434 -15.40 -41.76 1.64
C GLU B 434 -16.68 -42.34 1.06
N GLU B 435 -17.82 -42.04 1.66
CA GLU B 435 -19.11 -42.55 1.19
C GLU B 435 -19.73 -41.66 0.13
N GLY B 436 -18.97 -40.75 -0.46
CA GLY B 436 -19.51 -39.75 -1.38
C GLY B 436 -19.37 -40.14 -2.83
N GLU B 437 -20.27 -39.60 -3.66
CA GLU B 437 -20.24 -39.79 -5.11
C GLU B 437 -20.29 -38.43 -5.79
N ASN B 438 -19.92 -38.41 -7.07
CA ASN B 438 -19.86 -37.19 -7.85
C ASN B 438 -21.23 -36.91 -8.44
N ASN B 439 -22.06 -36.18 -7.69
CA ASN B 439 -23.37 -35.76 -8.16
C ASN B 439 -23.50 -34.25 -8.26
N PHE B 440 -22.39 -33.52 -8.16
CA PHE B 440 -22.43 -32.06 -8.17
C PHE B 440 -23.16 -31.54 -9.41
N GLU B 441 -24.15 -30.68 -9.18
CA GLU B 441 -24.87 -30.00 -10.25
C GLU B 441 -24.89 -28.50 -9.96
N TYR B 442 -24.59 -27.70 -10.97
CA TYR B 442 -24.75 -26.27 -10.84
C TYR B 442 -26.23 -25.92 -10.64
N CYS B 443 -26.49 -24.72 -10.13
CA CYS B 443 -27.86 -24.29 -9.97
C CYS B 443 -28.50 -23.94 -11.31
N TYR B 444 -27.68 -23.57 -12.29
CA TYR B 444 -28.16 -23.16 -13.59
C TYR B 444 -27.08 -23.43 -14.64
N GLU B 445 -27.49 -23.41 -15.89
CA GLU B 445 -26.58 -23.58 -17.02
C GLU B 445 -26.19 -22.22 -17.57
N GLU B 446 -24.97 -22.14 -18.10
CA GLU B 446 -24.48 -20.86 -18.60
C GLU B 446 -25.24 -20.41 -19.84
N ASP B 447 -25.77 -21.34 -20.63
CA ASP B 447 -26.48 -20.98 -21.84
C ASP B 447 -27.80 -20.25 -21.58
N MET B 448 -28.30 -20.27 -20.35
CA MET B 448 -29.56 -19.60 -20.06
C MET B 448 -29.37 -18.10 -20.05
N THR B 449 -30.48 -17.38 -20.21
CA THR B 449 -30.44 -15.93 -20.19
C THR B 449 -30.26 -15.41 -18.77
N ILE B 450 -29.92 -14.13 -18.67
CA ILE B 450 -29.68 -13.52 -17.37
C ILE B 450 -30.92 -13.62 -16.49
N LYS B 451 -32.10 -13.40 -17.09
CA LYS B 451 -33.34 -13.53 -16.32
C LYS B 451 -33.63 -14.99 -15.96
N GLU B 452 -33.31 -15.93 -16.85
CA GLU B 452 -33.52 -17.33 -16.50
C GLU B 452 -32.60 -17.77 -15.37
N LYS B 453 -31.35 -17.29 -15.39
CA LYS B 453 -30.42 -17.62 -14.32
C LYS B 453 -30.87 -17.01 -12.99
N LEU B 454 -31.33 -15.76 -13.01
CA LEU B 454 -31.84 -15.15 -11.79
C LEU B 454 -33.08 -15.89 -11.29
N ASN B 455 -33.99 -16.24 -12.20
CA ASN B 455 -35.19 -16.97 -11.81
C ASN B 455 -34.83 -18.30 -11.16
N ALA B 456 -33.80 -18.97 -11.68
CA ALA B 456 -33.38 -20.24 -11.12
C ALA B 456 -32.85 -20.07 -9.70
N ILE B 457 -32.04 -19.03 -9.46
CA ILE B 457 -31.46 -18.83 -8.14
C ILE B 457 -32.54 -18.44 -7.13
N ALA B 458 -33.45 -17.55 -7.53
CA ALA B 458 -34.46 -17.06 -6.61
C ALA B 458 -35.38 -18.20 -6.18
N THR B 459 -35.78 -19.04 -7.13
CA THR B 459 -36.71 -20.13 -6.82
C THR B 459 -35.99 -21.28 -6.10
N LYS B 460 -34.90 -21.77 -6.67
CA LYS B 460 -34.23 -22.94 -6.10
C LYS B 460 -33.57 -22.61 -4.78
N ILE B 461 -32.83 -21.50 -4.71
CA ILE B 461 -32.01 -21.22 -3.55
C ILE B 461 -32.73 -20.35 -2.54
N TYR B 462 -33.33 -19.25 -2.98
CA TYR B 462 -33.94 -18.31 -2.04
C TYR B 462 -35.32 -18.73 -1.61
N GLY B 463 -36.01 -19.55 -2.41
CA GLY B 463 -37.39 -19.86 -2.12
C GLY B 463 -38.38 -18.80 -2.58
N ALA B 464 -38.00 -17.96 -3.54
CA ALA B 464 -38.92 -16.96 -4.04
C ALA B 464 -39.84 -17.55 -5.10
N ASP B 465 -41.01 -16.93 -5.25
CA ASP B 465 -41.93 -17.31 -6.31
C ASP B 465 -41.45 -16.82 -7.67
N GLY B 466 -40.62 -15.79 -7.71
CA GLY B 466 -40.11 -15.28 -8.97
C GLY B 466 -39.35 -13.98 -8.76
N VAL B 467 -38.99 -13.37 -9.89
CA VAL B 467 -38.18 -12.16 -9.92
C VAL B 467 -38.93 -11.07 -10.67
N ASN B 468 -39.07 -9.90 -10.05
CA ASN B 468 -39.59 -8.72 -10.71
C ASN B 468 -38.44 -7.78 -11.06
N TYR B 469 -38.60 -7.04 -12.15
CA TYR B 469 -37.59 -6.10 -12.61
C TYR B 469 -38.20 -4.71 -12.74
N THR B 470 -37.43 -3.71 -12.34
CA THR B 470 -37.87 -2.33 -12.55
C THR B 470 -37.71 -1.97 -14.02
N LYS B 471 -38.22 -0.78 -14.36
CA LYS B 471 -38.12 -0.29 -15.73
C LYS B 471 -36.65 -0.18 -16.15
N GLU B 472 -35.80 0.40 -15.30
CA GLU B 472 -34.41 0.60 -15.66
C GLU B 472 -33.60 -0.69 -15.61
N ALA B 473 -33.94 -1.60 -14.69
CA ALA B 473 -33.25 -2.88 -14.65
C ALA B 473 -33.46 -3.66 -15.94
N ASN B 474 -34.70 -3.70 -16.43
CA ASN B 474 -34.96 -4.39 -17.70
C ASN B 474 -34.13 -3.79 -18.83
N LYS B 475 -34.01 -2.47 -18.87
CA LYS B 475 -33.19 -1.83 -19.89
C LYS B 475 -31.73 -2.25 -19.77
N GLN B 476 -31.20 -2.25 -18.55
CA GLN B 476 -29.79 -2.58 -18.35
C GLN B 476 -29.49 -4.03 -18.67
N ILE B 477 -30.41 -4.93 -18.32
CA ILE B 477 -30.23 -6.35 -18.64
C ILE B 477 -30.31 -6.56 -20.15
N ALA B 478 -31.20 -5.82 -20.82
CA ALA B 478 -31.32 -5.95 -22.27
C ALA B 478 -30.04 -5.52 -22.97
N GLU B 479 -29.41 -4.45 -22.48
CA GLU B 479 -28.14 -4.02 -23.05
C GLU B 479 -27.05 -5.06 -22.84
N LEU B 480 -27.01 -5.67 -21.64
CA LEU B 480 -25.99 -6.67 -21.37
C LEU B 480 -26.18 -7.91 -22.24
N GLU B 481 -27.42 -8.26 -22.57
CA GLU B 481 -27.63 -9.37 -23.49
C GLU B 481 -27.17 -9.01 -24.90
N GLU B 482 -27.48 -7.80 -25.35
CA GLU B 482 -27.08 -7.37 -26.69
C GLU B 482 -25.57 -7.31 -26.83
N LEU B 483 -24.87 -6.79 -25.83
CA LEU B 483 -23.43 -6.67 -25.88
C LEU B 483 -22.71 -8.01 -25.74
N GLY B 484 -23.42 -9.08 -25.42
CA GLY B 484 -22.84 -10.41 -25.41
C GLY B 484 -22.47 -10.96 -24.06
N PHE B 485 -23.06 -10.45 -22.97
CA PHE B 485 -22.71 -10.90 -21.63
C PHE B 485 -23.73 -11.88 -21.06
N GLY B 486 -24.70 -12.31 -21.87
CA GLY B 486 -25.76 -13.18 -21.38
C GLY B 486 -25.31 -14.60 -21.08
N ASN B 487 -24.06 -14.96 -21.40
CA ASN B 487 -23.55 -16.30 -21.19
C ASN B 487 -22.70 -16.42 -19.94
N LEU B 488 -22.68 -15.41 -19.09
CA LEU B 488 -21.88 -15.39 -17.89
C LEU B 488 -22.71 -15.76 -16.67
N PRO B 489 -22.08 -16.21 -15.59
CA PRO B 489 -22.82 -16.42 -14.34
C PRO B 489 -23.34 -15.09 -13.81
N VAL B 490 -24.39 -15.17 -13.00
CA VAL B 490 -24.99 -13.98 -12.39
C VAL B 490 -24.61 -13.95 -10.92
N CYS B 491 -24.37 -12.74 -10.41
CA CYS B 491 -23.98 -12.52 -9.01
C CYS B 491 -25.04 -11.62 -8.39
N VAL B 492 -25.87 -12.19 -7.51
CA VAL B 492 -26.99 -11.47 -6.93
C VAL B 492 -26.53 -10.73 -5.68
N ALA B 493 -26.62 -9.41 -5.71
CA ALA B 493 -26.26 -8.56 -4.59
C ALA B 493 -27.54 -8.21 -3.83
N LYS B 494 -27.83 -9.00 -2.80
CA LYS B 494 -29.00 -8.79 -1.96
C LYS B 494 -28.57 -8.81 -0.50
N THR B 495 -29.52 -8.55 0.40
CA THR B 495 -29.22 -8.59 1.82
C THR B 495 -28.80 -10.00 2.23
N GLN B 496 -27.94 -10.08 3.24
CA GLN B 496 -27.50 -11.36 3.75
C GLN B 496 -28.29 -11.82 4.97
N TYR B 497 -29.08 -10.95 5.57
CA TYR B 497 -29.78 -11.30 6.80
C TYR B 497 -31.08 -12.06 6.56
N SER B 498 -31.42 -12.35 5.31
CA SER B 498 -32.65 -13.06 4.99
C SER B 498 -32.46 -13.89 3.73
N LEU B 499 -33.26 -14.95 3.61
CA LEU B 499 -33.30 -15.68 2.35
C LEU B 499 -33.92 -14.84 1.24
N SER B 500 -34.83 -13.94 1.61
CA SER B 500 -35.43 -13.03 0.66
C SER B 500 -34.52 -11.82 0.45
N ASP B 501 -35.02 -10.81 -0.24
CA ASP B 501 -34.34 -9.52 -0.34
C ASP B 501 -34.80 -8.54 0.72
N ASP B 502 -35.64 -8.97 1.66
CA ASP B 502 -36.14 -8.13 2.75
C ASP B 502 -35.44 -8.57 4.03
N GLN B 503 -34.56 -7.71 4.55
CA GLN B 503 -33.74 -8.09 5.69
C GLN B 503 -34.55 -8.37 6.95
N THR B 504 -35.84 -8.02 6.98
CA THR B 504 -36.67 -8.28 8.14
C THR B 504 -37.31 -9.67 8.12
N LYS B 505 -37.30 -10.35 6.98
CA LYS B 505 -37.96 -11.66 6.86
C LYS B 505 -36.99 -12.74 7.32
N LEU B 506 -37.08 -13.10 8.60
CA LEU B 506 -36.22 -14.12 9.19
C LEU B 506 -36.78 -15.51 8.92
N GLY B 507 -36.12 -16.52 9.48
CA GLY B 507 -36.52 -17.91 9.31
C GLY B 507 -36.46 -18.39 7.86
N ARG B 508 -37.60 -18.79 7.32
CA ARG B 508 -37.71 -19.30 5.95
C ARG B 508 -38.89 -18.62 5.28
N PRO B 509 -38.71 -17.41 4.80
CA PRO B 509 -39.82 -16.70 4.16
C PRO B 509 -40.31 -17.44 2.92
N THR B 510 -41.62 -17.36 2.70
CA THR B 510 -42.25 -17.99 1.55
C THR B 510 -43.22 -17.00 0.92
N GLY B 511 -43.63 -17.31 -0.31
CA GLY B 511 -44.59 -16.48 -1.00
C GLY B 511 -44.15 -15.03 -1.16
N PHE B 512 -42.90 -14.82 -1.56
CA PHE B 512 -42.36 -13.49 -1.80
C PHE B 512 -41.75 -13.46 -3.18
N THR B 513 -41.32 -12.26 -3.58
CA THR B 513 -40.68 -12.08 -4.88
C THR B 513 -39.46 -11.19 -4.72
N ILE B 514 -38.45 -11.42 -5.55
CA ILE B 514 -37.22 -10.65 -5.53
C ILE B 514 -37.40 -9.45 -6.47
N GLU B 515 -36.99 -8.27 -6.02
CA GLU B 515 -37.14 -7.03 -6.78
C GLU B 515 -35.76 -6.57 -7.25
N VAL B 516 -35.51 -6.74 -8.55
CA VAL B 516 -34.26 -6.33 -9.17
C VAL B 516 -34.40 -4.89 -9.66
N ARG B 517 -33.49 -4.02 -9.22
CA ARG B 517 -33.54 -2.62 -9.61
C ARG B 517 -32.34 -2.13 -10.41
N GLN B 518 -31.28 -2.94 -10.54
CA GLN B 518 -30.05 -2.50 -11.16
C GLN B 518 -29.24 -3.72 -11.58
N ALA B 519 -28.52 -3.58 -12.70
CA ALA B 519 -27.65 -4.65 -13.19
C ALA B 519 -26.49 -4.03 -13.94
N ASN B 520 -25.34 -4.69 -13.86
CA ASN B 520 -24.15 -4.26 -14.57
C ASN B 520 -23.21 -5.45 -14.73
N ILE B 521 -22.13 -5.23 -15.48
CA ILE B 521 -21.25 -6.29 -15.94
C ILE B 521 -19.91 -6.17 -15.23
N SER B 522 -19.44 -7.28 -14.67
CA SER B 522 -18.07 -7.40 -14.19
C SER B 522 -17.31 -8.35 -15.12
N ALA B 523 -17.03 -7.85 -16.32
CA ALA B 523 -16.43 -8.69 -17.35
C ALA B 523 -15.05 -9.19 -16.95
N GLY B 524 -14.34 -8.42 -16.11
CA GLY B 524 -13.04 -8.87 -15.65
C GLY B 524 -13.13 -10.07 -14.73
N ALA B 525 -14.04 -10.02 -13.75
CA ALA B 525 -14.22 -11.18 -12.89
C ALA B 525 -14.94 -12.31 -13.61
N GLY B 526 -15.76 -11.98 -14.60
CA GLY B 526 -16.47 -12.97 -15.37
C GLY B 526 -17.89 -13.24 -14.96
N PHE B 527 -18.58 -12.27 -14.35
CA PHE B 527 -19.98 -12.49 -13.99
C PHE B 527 -20.74 -11.18 -14.12
N VAL B 528 -22.06 -11.30 -14.14
CA VAL B 528 -22.97 -10.16 -14.19
C VAL B 528 -23.48 -9.91 -12.79
N VAL B 529 -23.44 -8.65 -12.35
CA VAL B 529 -23.88 -8.27 -11.01
C VAL B 529 -25.30 -7.72 -11.10
N VAL B 530 -26.16 -8.20 -10.21
CA VAL B 530 -27.57 -7.82 -10.19
C VAL B 530 -27.94 -7.37 -8.79
N MET B 531 -28.56 -6.20 -8.68
CA MET B 531 -28.83 -5.54 -7.42
C MET B 531 -30.30 -5.63 -7.05
N THR B 532 -30.57 -5.85 -5.76
CA THR B 532 -31.91 -5.78 -5.20
C THR B 532 -32.09 -4.60 -4.28
N GLY B 533 -31.23 -3.59 -4.40
CA GLY B 533 -31.27 -2.45 -3.51
C GLY B 533 -29.95 -1.72 -3.53
N GLU B 534 -29.81 -0.78 -2.61
CA GLU B 534 -28.58 -0.02 -2.47
C GLU B 534 -27.51 -0.88 -1.82
N ILE B 535 -26.27 -0.74 -2.29
CA ILE B 535 -25.13 -1.52 -1.79
C ILE B 535 -24.06 -0.56 -1.32
N MET B 536 -23.68 -0.68 -0.04
CA MET B 536 -22.64 0.16 0.54
C MET B 536 -21.27 -0.36 0.10
N LYS B 537 -20.62 0.36 -0.81
CA LYS B 537 -19.26 0.01 -1.23
C LYS B 537 -18.20 0.83 -0.53
N MET B 538 -18.57 1.68 0.43
CA MET B 538 -17.60 2.49 1.18
C MET B 538 -18.19 2.78 2.55
N PRO B 539 -17.82 2.01 3.57
CA PRO B 539 -18.33 2.28 4.92
C PRO B 539 -17.78 3.57 5.47
N GLY B 540 -18.52 4.12 6.44
CA GLY B 540 -18.11 5.32 7.14
C GLY B 540 -17.49 5.02 8.49
N LEU B 541 -16.90 6.05 9.08
CA LEU B 541 -16.35 5.94 10.43
C LEU B 541 -17.43 6.26 11.47
N PRO B 542 -17.42 5.56 12.61
CA PRO B 542 -18.39 5.88 13.67
C PRO B 542 -18.08 7.21 14.35
N LYS B 543 -18.96 7.62 15.29
CA LYS B 543 -18.77 8.89 15.98
C LYS B 543 -17.46 8.90 16.78
N LEU B 544 -17.17 7.81 17.48
CA LEU B 544 -15.90 7.62 18.16
C LEU B 544 -15.16 6.51 17.43
N PRO B 545 -14.27 6.84 16.49
CA PRO B 545 -13.55 5.77 15.77
C PRO B 545 -12.63 5.00 16.69
N ALA B 546 -12.42 3.73 16.34
CA ALA B 546 -11.48 2.89 17.08
C ALA B 546 -10.05 3.42 17.01
N ALA B 547 -9.74 4.25 16.03
CA ALA B 547 -8.37 4.77 15.89
C ALA B 547 -7.96 5.63 17.08
N GLU B 548 -8.93 6.24 17.77
CA GLU B 548 -8.60 7.13 18.87
C GLU B 548 -8.00 6.39 20.06
N ARG B 549 -8.24 5.09 20.18
CA ARG B 549 -7.64 4.30 21.25
C ARG B 549 -6.34 3.62 20.85
N ILE B 550 -6.03 3.58 19.55
CA ILE B 550 -4.82 2.90 19.10
C ILE B 550 -3.59 3.75 19.45
N ASP B 551 -2.56 3.10 19.97
CA ASP B 551 -1.37 3.79 20.44
C ASP B 551 -0.15 2.93 20.15
N VAL B 552 1.01 3.56 20.23
CA VAL B 552 2.30 2.90 20.07
C VAL B 552 3.20 3.38 21.20
N ASP B 553 3.96 2.47 21.80
CA ASP B 553 4.86 2.81 22.88
C ASP B 553 6.27 3.07 22.34
N GLU B 554 7.20 3.37 23.25
CA GLU B 554 8.54 3.75 22.83
C GLU B 554 9.29 2.62 22.17
N ASN B 555 8.91 1.37 22.44
CA ASN B 555 9.54 0.22 21.81
C ASN B 555 8.87 -0.20 20.52
N GLY B 556 7.82 0.53 20.10
CA GLY B 556 7.13 0.19 18.87
C GLY B 556 6.09 -0.90 19.01
N LYS B 557 5.46 -1.05 20.17
CA LYS B 557 4.41 -2.03 20.37
C LYS B 557 3.06 -1.34 20.24
N ILE B 558 2.14 -1.98 19.51
CA ILE B 558 0.82 -1.42 19.25
C ILE B 558 -0.17 -1.91 20.29
N SER B 559 -1.00 -1.00 20.77
CA SER B 559 -2.09 -1.30 21.70
C SER B 559 -3.37 -0.63 21.21
N GLY B 560 -4.50 -1.20 21.58
CA GLY B 560 -5.79 -0.64 21.23
C GLY B 560 -6.46 -1.25 20.01
N LEU B 561 -5.76 -2.12 19.27
CA LEU B 561 -6.31 -2.66 18.03
C LEU B 561 -7.50 -3.58 18.30
N PHE B 562 -7.41 -4.38 19.35
CA PHE B 562 -8.44 -5.37 19.63
C PHE B 562 -8.94 -5.25 21.06
C1 BER C . -20.12 29.56 10.27
C2 BER C . -20.76 28.45 9.51
N1 BER C . -19.80 30.70 9.62
C3 BER C . -19.81 29.36 11.61
C4 BER C . -20.59 28.46 8.03
C5 BER C . -21.43 27.41 10.15
C6 BER C . -19.22 31.73 10.25
C7 BER C . -20.14 30.87 8.20
C8 BER C . -19.20 30.38 12.32
C9 BER C . -21.14 27.45 7.23
C10 BER C . -19.83 29.61 7.41
C11 BER C . -21.97 26.43 9.34
C12 BER C . -18.88 31.64 11.60
C13 BER C . -18.87 30.25 13.67
C14 BER C . -21.82 26.45 7.89
O1 BER C . -22.69 25.32 9.68
C15 BER C . -18.22 32.75 12.32
C16 BER C . -18.24 31.29 14.36
O2 BER C . -22.44 25.34 7.39
C17 BER C . -22.94 24.55 8.48
C18 BER C . -17.91 32.52 13.77
O3 BER C . -17.92 33.92 11.65
O4 BER C . -17.29 33.47 14.54
C19 BER C . -16.73 34.69 11.84
C20 BER C . -16.74 33.13 15.81
C1 BER D . -21.04 21.98 11.03
C2 BER D . -20.41 22.67 9.89
N1 BER D . -21.34 22.71 12.13
C3 BER D . -21.36 20.62 10.93
C4 BER D . -19.71 23.96 10.14
C5 BER D . -20.57 22.18 8.59
C6 BER D . -21.94 22.16 13.19
C7 BER D . -21.00 24.15 12.20
C8 BER D . -21.98 20.00 11.99
C9 BER D . -19.15 24.69 9.09
C10 BER D . -19.64 24.43 11.57
C11 BER D . -20.01 22.93 7.56
C12 BER D . -22.29 20.82 13.19
C13 BER D . -22.32 18.65 11.97
C14 BER D . -19.30 24.18 7.81
O1 BER D . -19.98 22.68 6.21
C15 BER D . -22.96 20.17 14.33
C16 BER D . -22.95 18.04 13.04
O2 BER D . -18.87 24.66 6.60
C17 BER D . -19.22 23.72 5.56
C18 BER D . -23.29 18.73 14.22
O3 BER D . -23.27 20.88 15.46
O4 BER D . -23.90 18.09 15.26
C19 BER D . -24.54 21.49 15.62
C20 BER D . -24.85 17.06 15.02
S SO4 E . 17.86 14.46 -7.23
O1 SO4 E . 18.05 15.84 -7.67
O2 SO4 E . 17.47 13.62 -8.35
O3 SO4 E . 19.12 13.96 -6.68
O4 SO4 E . 16.80 14.40 -6.22
N PRO F . -0.44 13.80 24.10
CA PRO F . 0.14 12.55 23.60
C PRO F . 1.21 12.79 22.52
O PRO F . 1.31 13.89 21.97
CB PRO F . -1.07 11.81 23.02
CG PRO F . -2.27 12.41 23.70
CD PRO F . -1.91 13.85 23.93
OXT PRO F . 2.00 11.92 22.16
N PRO G . -30.32 12.53 2.54
CA PRO G . -31.22 11.48 3.04
C PRO G . -30.48 10.16 3.31
O PRO G . -31.02 9.07 3.07
CB PRO G . -32.24 11.30 1.90
CG PRO G . -31.84 12.29 0.81
CD PRO G . -30.94 13.29 1.45
OXT PRO G . -29.35 10.14 3.80
N PRO H . 17.14 -8.16 -11.96
CA PRO H . 16.21 -7.10 -11.61
C PRO H . 16.27 -6.71 -10.14
O PRO H . 17.05 -5.83 -9.73
CB PRO H . 14.83 -7.70 -11.94
CG PRO H . 15.04 -9.18 -11.82
CD PRO H . 16.45 -9.43 -12.28
OXT PRO H . 15.56 -7.27 -9.30
N PRO I . -0.44 17.98 -18.95
CA PRO I . 0.83 18.01 -18.21
C PRO I . 0.59 18.27 -16.72
O PRO I . -0.53 18.52 -16.29
CB PRO I . 1.59 19.17 -18.86
CG PRO I . 0.75 19.64 -20.05
CD PRO I . -0.29 18.58 -20.28
OXT PRO I . 1.53 18.23 -15.91
N PRO J . -24.02 11.95 12.45
CA PRO J . -24.33 13.17 11.71
C PRO J . -24.79 14.30 12.63
O PRO J . -25.02 15.44 12.19
CB PRO J . -25.46 12.73 10.77
CG PRO J . -26.10 11.52 11.47
CD PRO J . -25.23 11.12 12.64
OXT PRO J . -24.94 14.09 13.83
C1 BER K . -18.53 -18.59 22.92
C2 BER K . -18.71 -18.77 24.38
N1 BER K . -18.76 -19.63 22.08
C3 BER K . -18.06 -17.35 22.46
C4 BER K . -18.71 -20.17 24.90
C5 BER K . -18.82 -17.68 25.23
C6 BER K . -18.58 -19.51 20.76
C7 BER K . -19.24 -20.91 22.60
C8 BER K . -17.86 -17.17 21.10
C9 BER K . -18.84 -20.43 26.27
C10 BER K . -18.57 -21.30 23.91
C11 BER K . -18.96 -17.97 26.59
C12 BER K . -18.13 -18.31 20.21
C13 BER K . -17.41 -15.95 20.57
C14 BER K . -18.97 -19.33 27.09
O1 BER K . -19.10 -17.13 27.65
C15 BER K . -17.92 -18.13 18.75
C16 BER K . -17.21 -15.79 19.20
O2 BER K . -19.11 -19.28 28.45
C17 BER K . -19.05 -17.90 28.86
C18 BER K . -17.44 -16.81 18.28
O3 BER K . -18.17 -19.17 17.89
O4 BER K . -17.23 -16.61 16.94
C19 BER K . -19.52 -19.41 17.47
C20 BER K . -16.43 -15.50 16.50
C1 BER L . -33.36 -36.83 0.90
C2 BER L . -33.52 -36.08 -0.38
N1 BER L . -34.23 -36.63 1.91
C3 BER L . -32.32 -37.76 0.99
C4 BER L . -34.80 -35.35 -0.63
C5 BER L . -32.49 -36.10 -1.33
C6 BER L . -34.10 -37.29 3.07
C7 BER L . -35.33 -35.64 1.83
C8 BER L . -32.15 -38.49 2.16
C9 BER L . -35.02 -34.66 -1.83
C10 BER L . -35.88 -35.39 0.42
C11 BER L . -32.73 -35.40 -2.51
C12 BER L . -33.10 -38.23 3.27
C13 BER L . -31.13 -39.43 2.34
C14 BER L . -33.98 -34.68 -2.75
O1 BER L . -31.92 -35.23 -3.60
C15 BER L . -32.94 -39.00 4.53
C16 BER L . -30.98 -40.16 3.53
O2 BER L . -33.89 -34.10 -3.99
C17 BER L . -32.58 -34.33 -4.54
C18 BER L . -31.83 -39.99 4.62
O3 BER L . -33.78 -38.80 5.59
O4 BER L . -31.67 -40.69 5.80
C19 BER L . -35.00 -39.50 5.73
C20 BER L . -30.54 -41.54 6.01
S SO4 M . -18.16 -13.46 6.63
O1 SO4 M . -18.24 -12.30 5.76
O2 SO4 M . -16.95 -14.22 6.29
O3 SO4 M . -18.12 -13.06 8.03
O4 SO4 M . -19.32 -14.32 6.43
N PRO N . -3.32 -9.93 -23.01
CA PRO N . -3.79 -10.13 -24.38
C PRO N . -3.99 -8.83 -25.14
O PRO N . -3.57 -8.69 -26.29
CB PRO N . -5.13 -10.83 -24.17
CG PRO N . -5.01 -11.53 -22.84
CD PRO N . -3.78 -11.01 -22.13
OXT PRO N . -4.57 -7.87 -24.61
N PRO O . -22.72 4.14 8.00
CA PRO O . -22.81 5.10 6.90
C PRO O . -22.47 6.51 7.36
O PRO O . -21.95 7.31 6.58
CB PRO O . -24.27 5.02 6.47
CG PRO O . -24.99 4.63 7.73
CD PRO O . -24.05 3.71 8.47
OXT PRO O . -22.70 6.88 8.51
N PRO P . -20.91 -29.44 -12.70
CA PRO P . -21.20 -29.57 -14.13
C PRO P . -22.69 -29.36 -14.46
O PRO P . -23.03 -28.93 -15.56
CB PRO P . -20.77 -31.02 -14.44
CG PRO P . -19.64 -31.25 -13.49
CD PRO P . -20.00 -30.49 -12.22
OXT PRO P . -23.56 -29.61 -13.63
N PRO Q . -10.37 -32.53 -6.19
CA PRO Q . -11.77 -32.12 -6.15
C PRO Q . -12.72 -33.30 -6.03
O PRO Q . -12.29 -34.45 -6.04
CB PRO Q . -11.97 -31.39 -7.48
CG PRO Q . -10.61 -30.90 -7.83
CD PRO Q . -9.64 -31.92 -7.32
OXT PRO Q . -13.93 -33.12 -5.93
#